data_7VBH
#
_entry.id   7VBH
#
_cell.length_a   1.00
_cell.length_b   1.00
_cell.length_c   1.00
_cell.angle_alpha   90.00
_cell.angle_beta   90.00
_cell.angle_gamma   90.00
#
_symmetry.space_group_name_H-M   'P 1'
#
loop_
_entity.id
_entity.type
_entity.pdbx_description
1 polymer 'Guanine nucleotide-binding protein G(s) subunit alpha isoforms short'
2 polymer 'Nanobody 35'
3 polymer 'Peptide 20'
4 polymer 'Glucagon-like peptide 1 receptor'
5 polymer 'Guanine nucleotide-binding protein G(I)/G(S)/G(T) subunit beta-1'
6 polymer 'Guanine nucleotide-binding protein G(I)/G(S)/G(O) subunit gamma-2'
7 non-polymer 'N-hexadecanoyl-L-glutamic acid'
#
loop_
_entity_poly.entity_id
_entity_poly.type
_entity_poly.pdbx_seq_one_letter_code
_entity_poly.pdbx_strand_id
1 'polypeptide(L)'
;MGCLGNSKTEDQRNEEKAQREANKKIEKQLQKDKQVYRATHRLLLLGAGESGKNTIVKQMRILHVNGFNGEGGEEDPQAA
RSNSDGEKATKVQDIKNNLKEAIETIVAAMSNLVPPVELANPENQFRVDYILSVMNVPDFDFPPEFYEHAKALWEDEGVR
ACYERSNEYQLIDCAQYFLDKIDVIKQADYVPSDQDLLRCRVLTSGIFETKFQVDKVNFHMFDVGAQRDERRKWIQCFND
VTAIIFVVASSSYNMVIREDNQTNRLQAALKLFDSIWNNKWLRDTSVILFLNKQDLLAEKVLAGKSKIEDYFPEFARYTT
PEDATPEPGEDPRVTRAKYFIRDEFLRISTASGDGRHYCYPHFTCAVDTENIRRVFNDCRDIIQRMHLRQYELL
;
A
2 'polypeptide(L)'
;MAQVQLQESGGGLVQPGGSLRLSCAASGFTFSNYKMNWVRQAPGKGLEWVSDISQSGASISYTGSVKGRFTISRDNAKNT
LYLQMNSLKPEDTAVYYCARCPAPFTRDCFDVTSTTYAYRGQGTQVTVSSHHHHHHEPEA
;
N
3 'polypeptide(L)' H(AIB)QGTFTSDKSKYLDERAAQDFVQWLLDGGPSSGAPPPS P
4 'polypeptide(L)'
;RPQGATVSLWETVQKWREYRRQCQRSLTEDPPPATDLFCNRTFDEYACWPDGEPGSFVNVSCPWYLPWASSVPQGHVYRF
CTAEGLWLQKDNSSLPWRDLSECEESKRGERSSPEEQLLFLYIIYTVGYALSFSALVIASAILLGFRHLHCTRNYIHLNL
FASFILRALSVFIKDAALKWMYSTAAQQHQWDGLLSYQDSLSCRLVFLLMQYCVAANYYWLLVEGVYLYTLLAFSVLSEQ
WIFRLYVSIGWGVPLLFVVPWGIVKYLYEDEGCWTRNSNMNYWLIIRLPILFAIGVNFLIFVRVICIVVSKLKANLMCKT
DIKCRLAKSTLTLIPLLGTHEVIFAFVMDEHARGTLRFIKLFTELSFTSFQGLMVAILYCFVNNEVQLEFRKSWERWRLE
HLHIQRDSSMKPLKCPTSSLSSGATAGSSMYTATCQASCS
;
R
5 'polypeptide(L)'
;MGSLLQSELDQLRQEAEQLKNQIRDARKACADATLSQITNNIDPVGRIQMRTRRTLRGHLAKIYAMHWGTDSRLLVSASQ
DGKLIIWDSYTTNKVHAIPLRSSWVMTCAYAPSGNYVACGGLDNICSIYNLKTREGNVRVSRELAGHTGYLSCCRFLDDN
QIVTSSGDTTCALWDIETGQQTTTFTGHTGDVMSLSLAPDTRLFVSGACDASAKLWDVREGMCRQTFTGHESDINAICFF
PNGNAFATGSDDATCRLFDLRADQELMTYSHDNIICGITSVSFSKSGRLLLAGYDDFNCNVWDALKADRAGVLAGHDNRV
SCLGVTDDGMAVATGSWDSFLKIWN
;
B
6 'polypeptide(L)' ASNNTASIAQARKLVEQLKMEANIDRIKVSKAAADLMAYCEAHAKEDPLLTPVPASENPFREKKFFCAIL G
#
# COMPACT_ATOMS: atom_id res chain seq x y z
N GLN A 12 -15.60 -35.45 -9.03
CA GLN A 12 -16.93 -35.28 -9.58
C GLN A 12 -17.43 -33.88 -9.25
N ARG A 13 -18.57 -33.49 -9.83
CA ARG A 13 -19.01 -32.10 -9.73
C ARG A 13 -19.71 -31.81 -8.41
N ASN A 14 -20.21 -32.84 -7.73
CA ASN A 14 -20.96 -32.61 -6.50
C ASN A 14 -20.04 -32.27 -5.34
N GLU A 15 -18.88 -32.93 -5.27
CA GLU A 15 -17.94 -32.64 -4.19
C GLU A 15 -17.28 -31.28 -4.40
N GLU A 16 -17.10 -30.85 -5.65
CA GLU A 16 -16.64 -29.50 -5.91
C GLU A 16 -17.68 -28.48 -5.50
N LYS A 17 -18.97 -28.83 -5.66
CA LYS A 17 -20.03 -27.95 -5.18
C LYS A 17 -20.01 -27.85 -3.66
N ALA A 18 -19.78 -28.97 -2.98
CA ALA A 18 -19.71 -28.95 -1.51
C ALA A 18 -18.50 -28.17 -1.02
N GLN A 19 -17.36 -28.33 -1.70
CA GLN A 19 -16.16 -27.58 -1.37
C GLN A 19 -16.34 -26.10 -1.65
N ARG A 20 -17.09 -25.75 -2.69
CA ARG A 20 -17.30 -24.34 -3.00
C ARG A 20 -18.29 -23.70 -2.03
N GLU A 21 -19.26 -24.46 -1.54
CA GLU A 21 -20.15 -23.91 -0.53
C GLU A 21 -19.45 -23.80 0.82
N ALA A 22 -18.47 -24.68 1.09
CA ALA A 22 -17.63 -24.50 2.26
C ALA A 22 -16.71 -23.30 2.13
N ASN A 23 -16.18 -23.05 0.92
CA ASN A 23 -15.42 -21.84 0.66
C ASN A 23 -16.28 -20.60 0.85
N LYS A 24 -17.55 -20.67 0.44
CA LYS A 24 -18.45 -19.54 0.61
C LYS A 24 -18.76 -19.29 2.08
N LYS A 25 -18.97 -20.35 2.85
CA LYS A 25 -19.27 -20.16 4.28
C LYS A 25 -18.02 -19.82 5.09
N ILE A 26 -16.82 -20.07 4.55
CA ILE A 26 -15.59 -19.57 5.16
C ILE A 26 -15.33 -18.12 4.80
N GLU A 27 -15.65 -17.70 3.59
CA GLU A 27 -15.50 -16.31 3.18
C GLU A 27 -16.42 -15.35 3.94
N LYS A 28 -17.56 -15.83 4.43
CA LYS A 28 -18.40 -15.00 5.30
C LYS A 28 -17.69 -14.70 6.62
N GLN A 29 -17.01 -15.70 7.18
CA GLN A 29 -16.32 -15.50 8.43
C GLN A 29 -15.06 -14.67 8.23
N LEU A 30 -14.45 -14.73 7.06
CA LEU A 30 -13.27 -13.90 6.82
C LEU A 30 -13.67 -12.46 6.51
N GLN A 31 -14.81 -12.27 5.84
CA GLN A 31 -15.42 -10.95 5.72
C GLN A 31 -15.80 -10.36 7.06
N LYS A 32 -16.34 -11.16 7.96
CA LYS A 32 -16.71 -10.70 9.29
C LYS A 32 -15.50 -10.49 10.19
N ASP A 33 -14.40 -11.18 9.93
CA ASP A 33 -13.17 -11.02 10.69
C ASP A 33 -12.31 -9.88 10.16
N LYS A 34 -12.44 -9.54 8.88
CA LYS A 34 -11.77 -8.37 8.35
C LYS A 34 -12.32 -7.09 8.96
N GLN A 35 -13.62 -7.08 9.26
CA GLN A 35 -14.23 -5.91 9.87
C GLN A 35 -13.73 -5.71 11.29
N VAL A 36 -13.52 -6.80 12.01
CA VAL A 36 -13.03 -6.68 13.38
C VAL A 36 -11.54 -6.38 13.37
N TYR A 37 -10.80 -6.95 12.42
CA TYR A 37 -9.36 -6.74 12.37
C TYR A 37 -8.96 -5.35 11.90
N ARG A 38 -9.67 -4.78 10.94
CA ARG A 38 -9.40 -3.42 10.51
C ARG A 38 -9.89 -2.37 11.49
N ALA A 39 -10.81 -2.73 12.38
CA ALA A 39 -11.33 -1.77 13.35
C ALA A 39 -10.36 -1.57 14.50
N THR A 40 -9.67 -2.63 14.93
CA THR A 40 -8.82 -2.53 16.10
C THR A 40 -7.46 -1.98 15.73
N HIS A 41 -6.85 -1.29 16.69
CA HIS A 41 -5.48 -0.81 16.57
C HIS A 41 -4.58 -1.69 17.40
N ARG A 42 -3.55 -2.22 16.76
CA ARG A 42 -2.55 -3.05 17.40
C ARG A 42 -1.46 -2.13 17.90
N LEU A 43 -1.16 -2.20 19.18
CA LEU A 43 -0.04 -1.46 19.76
C LEU A 43 1.05 -2.41 20.19
N LEU A 44 2.20 -1.86 20.49
CA LEU A 44 3.31 -2.63 21.04
C LEU A 44 3.88 -1.84 22.19
N LEU A 45 3.58 -2.29 23.40
CA LEU A 45 4.14 -1.69 24.60
C LEU A 45 5.55 -2.20 24.77
N LEU A 46 6.53 -1.31 24.63
CA LEU A 46 7.93 -1.70 24.54
C LEU A 46 8.74 -0.96 25.59
N GLY A 47 8.24 -0.97 26.82
CA GLY A 47 8.96 -0.42 27.94
C GLY A 47 10.22 -1.18 28.28
N SER A 205 2.33 -17.22 27.58
CA SER A 205 2.94 -16.31 28.55
C SER A 205 3.88 -15.35 27.88
N GLY A 206 4.16 -15.57 26.61
CA GLY A 206 5.15 -14.79 25.91
C GLY A 206 4.65 -13.52 25.28
N ILE A 207 3.37 -13.22 25.41
CA ILE A 207 2.84 -11.93 25.03
C ILE A 207 1.62 -11.70 25.91
N PHE A 208 1.37 -10.44 26.25
CA PHE A 208 0.25 -10.08 27.14
C PHE A 208 -0.63 -9.09 26.41
N GLU A 209 -1.65 -9.59 25.73
CA GLU A 209 -2.63 -8.69 25.13
C GLU A 209 -3.45 -8.03 26.22
N THR A 210 -3.59 -6.71 26.11
CA THR A 210 -4.48 -5.94 26.99
C THR A 210 -5.40 -5.10 26.11
N LYS A 211 -6.58 -5.66 25.85
CA LYS A 211 -7.59 -4.92 25.10
C LYS A 211 -8.15 -3.79 25.96
N PHE A 212 -8.21 -2.60 25.38
CA PHE A 212 -8.86 -1.47 26.02
C PHE A 212 -9.55 -0.66 24.94
N GLN A 213 -10.62 0.00 25.31
CA GLN A 213 -11.47 0.66 24.33
C GLN A 213 -11.82 2.04 24.85
N VAL A 214 -11.27 3.07 24.23
CA VAL A 214 -11.60 4.44 24.59
C VAL A 214 -12.29 5.09 23.39
N ASP A 215 -13.40 5.79 23.69
CA ASP A 215 -14.24 6.49 22.71
C ASP A 215 -14.74 5.55 21.62
N LYS A 216 -15.09 4.33 22.03
CA LYS A 216 -15.59 3.21 21.24
C LYS A 216 -14.56 2.68 20.23
N VAL A 217 -13.34 3.18 20.21
CA VAL A 217 -12.31 2.72 19.29
C VAL A 217 -11.49 1.65 20.00
N ASN A 218 -11.41 0.47 19.39
CA ASN A 218 -10.83 -0.69 20.04
C ASN A 218 -9.33 -0.68 19.85
N PHE A 219 -8.60 -0.72 20.96
CA PHE A 219 -7.18 -0.96 20.96
C PHE A 219 -6.92 -2.31 21.61
N HIS A 220 -5.83 -2.96 21.21
CA HIS A 220 -5.31 -4.03 22.03
C HIS A 220 -3.79 -3.99 21.97
N MET A 221 -3.21 -3.67 23.11
CA MET A 221 -1.78 -3.43 23.27
C MET A 221 -1.10 -4.75 23.59
N PHE A 222 0.14 -4.89 23.19
CA PHE A 222 0.85 -6.13 23.36
C PHE A 222 2.13 -5.90 24.14
N ASP A 223 2.10 -6.26 25.41
CA ASP A 223 3.25 -6.15 26.28
C ASP A 223 4.05 -7.42 26.13
N VAL A 224 5.18 -7.35 25.44
CA VAL A 224 6.00 -8.52 25.16
C VAL A 224 6.82 -8.84 26.41
N GLY A 225 6.24 -9.63 27.29
CA GLY A 225 6.96 -10.18 28.41
C GLY A 225 7.26 -11.64 28.15
N ALA A 226 8.08 -12.22 29.01
CA ALA A 226 8.63 -13.57 28.88
C ALA A 226 9.30 -13.80 27.54
N GLN A 227 9.98 -12.80 27.01
CA GLN A 227 10.84 -12.95 25.86
C GLN A 227 12.26 -12.61 26.29
N ARG A 228 13.24 -13.07 25.51
CA ARG A 228 14.62 -12.72 25.77
C ARG A 228 14.86 -11.25 25.47
N ASP A 229 16.02 -10.75 25.90
CA ASP A 229 16.41 -9.37 25.69
C ASP A 229 17.02 -9.14 24.31
N GLU A 230 16.77 -10.02 23.36
CA GLU A 230 17.36 -9.97 22.03
C GLU A 230 16.21 -9.87 21.04
N ARG A 231 15.89 -8.65 20.61
CA ARG A 231 14.64 -8.34 19.95
C ARG A 231 14.73 -8.16 18.45
N ARG A 232 15.83 -8.56 17.81
CA ARG A 232 15.93 -8.23 16.39
C ARG A 232 15.10 -9.13 15.50
N LYS A 233 14.47 -10.17 16.04
CA LYS A 233 13.72 -11.09 15.23
C LYS A 233 12.23 -11.07 15.49
N TRP A 234 11.79 -10.91 16.73
CA TRP A 234 10.37 -10.83 16.95
C TRP A 234 9.83 -9.41 16.84
N ILE A 235 10.68 -8.42 16.60
CA ILE A 235 10.17 -7.07 16.44
C ILE A 235 9.61 -6.85 15.04
N GLN A 236 9.90 -7.74 14.10
CA GLN A 236 9.40 -7.66 12.75
C GLN A 236 7.98 -8.14 12.63
N CYS A 237 7.48 -8.89 13.62
CA CYS A 237 6.06 -9.20 13.69
C CYS A 237 5.24 -7.94 13.87
N PHE A 238 5.79 -6.98 14.60
CA PHE A 238 5.14 -5.73 14.94
C PHE A 238 5.48 -4.63 13.97
N ASN A 239 5.69 -4.94 12.70
CA ASN A 239 5.91 -3.88 11.74
C ASN A 239 4.61 -3.27 11.26
N ASP A 240 3.48 -3.95 11.46
CA ASP A 240 2.18 -3.47 11.03
C ASP A 240 1.28 -3.09 12.20
N VAL A 241 1.86 -2.87 13.38
CA VAL A 241 1.12 -2.21 14.43
C VAL A 241 0.96 -0.74 14.09
N THR A 242 -0.04 -0.10 14.70
CA THR A 242 -0.22 1.32 14.41
C THR A 242 0.85 2.15 15.09
N ALA A 243 1.37 1.67 16.21
CA ALA A 243 2.32 2.42 17.01
C ALA A 243 3.07 1.47 17.90
N ILE A 244 4.33 1.80 18.13
CA ILE A 244 5.12 1.19 19.18
C ILE A 244 5.09 2.13 20.37
N ILE A 245 4.57 1.67 21.49
CA ILE A 245 4.61 2.47 22.71
C ILE A 245 5.96 2.24 23.37
N PHE A 246 6.71 3.30 23.57
CA PHE A 246 8.08 3.21 24.04
C PHE A 246 8.16 3.89 25.39
N VAL A 247 8.05 3.12 26.46
CA VAL A 247 8.12 3.66 27.81
C VAL A 247 9.58 3.64 28.24
N VAL A 248 10.16 4.82 28.42
CA VAL A 248 11.53 4.95 28.83
C VAL A 248 11.58 5.58 30.22
N ALA A 249 12.23 4.87 31.13
CA ALA A 249 12.40 5.31 32.51
C ALA A 249 13.54 6.32 32.58
N SER A 250 13.20 7.61 32.64
CA SER A 250 14.19 8.66 32.75
C SER A 250 14.73 8.68 34.17
N SER A 251 15.98 8.29 34.33
CA SER A 251 16.58 8.13 35.64
C SER A 251 17.08 9.47 36.18
N THR A 263 24.92 1.02 35.17
CA THR A 263 24.50 1.08 33.78
C THR A 263 23.63 2.30 33.55
N ASN A 264 23.92 3.02 32.46
CA ASN A 264 23.06 4.10 31.99
C ASN A 264 21.87 3.45 31.30
N ARG A 265 20.69 3.55 31.91
CA ARG A 265 19.50 2.98 31.32
C ARG A 265 18.65 4.03 30.62
N LEU A 266 19.20 5.22 30.41
CA LEU A 266 18.60 6.21 29.53
C LEU A 266 19.24 6.19 28.17
N GLN A 267 20.57 6.01 28.11
CA GLN A 267 21.23 5.73 26.84
C GLN A 267 20.88 4.32 26.35
N ALA A 268 20.56 3.41 27.26
CA ALA A 268 20.10 2.09 26.85
C ALA A 268 18.74 2.12 26.18
N ALA A 269 17.95 3.17 26.42
CA ALA A 269 16.71 3.35 25.68
C ALA A 269 16.87 4.29 24.51
N LEU A 270 17.86 5.19 24.57
CA LEU A 270 18.23 5.99 23.41
C LEU A 270 18.69 5.11 22.27
N LYS A 271 19.49 4.09 22.59
CA LYS A 271 20.01 3.21 21.54
C LYS A 271 18.95 2.26 21.01
N LEU A 272 18.01 1.84 21.86
CA LEU A 272 16.94 0.98 21.41
C LEU A 272 15.94 1.74 20.54
N PHE A 273 15.71 3.01 20.87
CA PHE A 273 14.92 3.87 19.99
C PHE A 273 15.67 4.15 18.69
N ASP A 274 16.99 4.28 18.76
CA ASP A 274 17.82 4.50 17.58
C ASP A 274 17.77 3.31 16.64
N SER A 275 17.64 2.10 17.17
CA SER A 275 17.55 0.92 16.32
C SER A 275 16.13 0.60 15.91
N ILE A 276 15.13 0.98 16.68
CA ILE A 276 13.74 0.79 16.27
C ILE A 276 13.37 1.78 15.17
N TRP A 277 13.87 3.01 15.30
CA TRP A 277 13.58 4.06 14.33
C TRP A 277 14.17 3.75 12.97
N ASN A 278 15.41 3.29 12.94
CA ASN A 278 16.15 3.05 11.72
C ASN A 278 16.08 1.61 11.25
N ASN A 279 15.24 0.79 11.86
CA ASN A 279 15.01 -0.55 11.37
C ASN A 279 14.22 -0.48 10.06
N LYS A 280 14.51 -1.43 9.17
CA LYS A 280 13.95 -1.41 7.83
C LYS A 280 12.43 -1.63 7.84
N TRP A 281 11.96 -2.50 8.74
CA TRP A 281 10.54 -2.85 8.78
C TRP A 281 9.73 -1.92 9.67
N LEU A 282 10.34 -1.37 10.70
CA LEU A 282 9.70 -0.38 11.55
C LEU A 282 9.93 1.03 11.05
N ARG A 283 10.30 1.18 9.79
CA ARG A 283 10.55 2.48 9.18
C ARG A 283 9.26 3.16 8.74
N ASP A 284 8.14 2.44 8.68
CA ASP A 284 6.84 3.05 8.52
C ASP A 284 6.03 3.05 9.81
N THR A 285 6.51 2.35 10.83
CA THR A 285 5.80 2.21 12.09
C THR A 285 6.18 3.37 13.00
N SER A 286 5.18 4.08 13.48
CA SER A 286 5.41 5.26 14.30
C SER A 286 5.58 4.83 15.75
N VAL A 287 6.17 5.72 16.54
CA VAL A 287 6.51 5.43 17.92
C VAL A 287 5.86 6.47 18.80
N ILE A 288 5.14 6.03 19.82
CA ILE A 288 4.63 6.91 20.86
C ILE A 288 5.56 6.77 22.04
N LEU A 289 6.22 7.86 22.40
CA LEU A 289 7.35 7.83 23.31
C LEU A 289 6.92 8.37 24.67
N PHE A 290 6.94 7.54 25.68
CA PHE A 290 6.57 7.94 27.02
C PHE A 290 7.80 8.05 27.89
N LEU A 291 8.16 9.27 28.26
CA LEU A 291 9.32 9.51 29.10
C LEU A 291 8.86 9.37 30.54
N ASN A 292 8.97 8.15 31.06
CA ASN A 292 8.42 7.78 32.35
C ASN A 292 9.22 8.40 33.48
N LYS A 293 8.59 8.44 34.66
CA LYS A 293 9.21 8.77 35.95
C LYS A 293 9.83 10.17 35.96
N GLN A 294 8.94 11.16 35.84
CA GLN A 294 9.36 12.55 35.94
C GLN A 294 9.39 13.06 37.38
N ASP A 295 8.58 12.48 38.26
CA ASP A 295 8.69 12.82 39.69
C ASP A 295 9.96 12.22 40.29
N LEU A 296 10.33 11.03 39.83
CA LEU A 296 11.60 10.43 40.22
C LEU A 296 12.76 11.30 39.76
N LEU A 297 12.66 11.84 38.54
CA LEU A 297 13.69 12.73 38.03
C LEU A 297 13.71 14.05 38.78
N ALA A 298 12.55 14.50 39.25
CA ALA A 298 12.48 15.74 40.03
C ALA A 298 13.17 15.60 41.37
N GLU A 299 12.82 14.55 42.13
CA GLU A 299 13.46 14.33 43.42
C GLU A 299 14.91 13.87 43.25
N LYS A 300 15.29 13.45 42.04
CA LYS A 300 16.70 13.19 41.76
C LYS A 300 17.46 14.48 41.54
N VAL A 301 16.91 15.41 40.75
CA VAL A 301 17.70 16.56 40.29
C VAL A 301 17.74 17.63 41.37
N LEU A 302 16.73 17.71 42.23
CA LEU A 302 16.78 18.75 43.26
C LEU A 302 17.60 18.31 44.47
N ALA A 303 17.78 17.01 44.64
CA ALA A 303 18.49 16.52 45.83
C ALA A 303 20.00 16.65 45.72
N GLY A 304 20.54 16.84 44.52
CA GLY A 304 21.98 16.82 44.33
C GLY A 304 22.52 15.53 43.80
N LYS A 305 21.70 14.76 43.08
CA LYS A 305 22.07 13.48 42.47
C LYS A 305 21.97 13.67 40.94
N SER A 306 22.51 14.79 40.49
CA SER A 306 22.51 15.10 39.05
C SER A 306 23.57 14.25 38.37
N LYS A 307 23.16 13.05 37.95
CA LYS A 307 23.99 12.26 37.05
C LYS A 307 23.80 12.66 35.61
N ILE A 308 22.81 13.52 35.33
CA ILE A 308 22.46 13.89 33.96
C ILE A 308 23.59 14.71 33.33
N GLU A 309 24.29 15.51 34.13
CA GLU A 309 25.45 16.23 33.62
C GLU A 309 26.67 15.34 33.49
N ASP A 310 26.74 14.23 34.24
CA ASP A 310 27.89 13.35 34.17
C ASP A 310 27.79 12.41 32.96
N TYR A 311 26.59 11.96 32.66
CA TYR A 311 26.37 11.02 31.56
C TYR A 311 26.00 11.71 30.26
N PHE A 312 25.61 12.96 30.30
CA PHE A 312 25.34 13.77 29.13
C PHE A 312 25.94 15.16 29.33
N PRO A 313 27.21 15.38 29.03
CA PRO A 313 27.79 16.72 29.22
C PRO A 313 27.27 17.79 28.26
N GLU A 314 26.48 17.39 27.27
CA GLU A 314 25.81 18.34 26.38
C GLU A 314 24.62 18.99 27.08
N PHE A 315 24.22 18.42 28.21
CA PHE A 315 23.18 19.05 29.03
C PHE A 315 23.74 20.25 29.79
N ALA A 316 25.05 20.27 30.01
CA ALA A 316 25.68 21.35 30.77
C ALA A 316 25.71 22.66 29.99
N ARG A 317 25.51 22.58 28.67
CA ARG A 317 25.36 23.77 27.85
C ARG A 317 23.95 23.91 27.28
N TYR A 318 22.98 23.22 27.86
CA TYR A 318 21.63 23.21 27.32
C TYR A 318 20.83 24.37 27.89
N THR A 319 19.87 24.85 27.11
CA THR A 319 18.95 25.89 27.53
C THR A 319 17.54 25.46 27.15
N THR A 320 16.62 25.52 28.11
CA THR A 320 15.24 25.07 27.92
C THR A 320 14.58 25.89 26.82
N PRO A 321 13.92 25.24 25.85
CA PRO A 321 13.43 25.97 24.67
C PRO A 321 12.28 26.92 25.02
N GLU A 322 12.05 27.89 24.14
CA GLU A 322 10.97 28.85 24.37
C GLU A 322 9.62 28.21 24.09
N ASP A 323 9.59 27.17 23.26
CA ASP A 323 8.36 26.40 23.02
C ASP A 323 8.33 25.18 23.95
N ALA A 324 8.40 25.46 25.25
CA ALA A 324 8.41 24.43 26.27
C ALA A 324 7.61 24.93 27.45
N THR A 325 6.76 24.07 28.02
CA THR A 325 5.80 24.47 29.02
C THR A 325 6.27 24.04 30.40
N PRO A 326 6.65 24.96 31.28
CA PRO A 326 6.91 24.58 32.67
C PRO A 326 5.64 24.58 33.51
N GLU A 327 4.80 23.57 33.30
CA GLU A 327 3.57 23.34 34.04
C GLU A 327 3.91 23.14 35.51
N PRO A 328 3.05 23.55 36.46
CA PRO A 328 3.56 23.95 37.79
C PRO A 328 4.01 22.77 38.64
N GLY A 329 4.67 23.08 39.74
CA GLY A 329 5.43 22.09 40.47
C GLY A 329 6.75 21.79 39.79
N GLU A 330 7.28 22.76 39.04
CA GLU A 330 8.49 22.57 38.25
C GLU A 330 9.34 23.82 38.29
N ASP A 331 10.50 23.70 38.91
CA ASP A 331 11.55 24.71 38.81
C ASP A 331 12.38 24.44 37.58
N PRO A 332 13.08 25.42 37.00
CA PRO A 332 13.91 25.12 35.83
C PRO A 332 15.19 24.34 36.15
N ARG A 333 15.05 23.15 36.72
CA ARG A 333 16.12 22.19 36.83
C ARG A 333 15.59 20.81 36.47
N VAL A 334 14.27 20.65 36.58
CA VAL A 334 13.60 19.42 36.16
C VAL A 334 12.97 19.58 34.78
N THR A 335 12.49 20.78 34.44
CA THR A 335 12.08 21.06 33.07
C THR A 335 13.28 21.30 32.17
N ARG A 336 14.47 21.42 32.73
CA ARG A 336 15.71 21.43 31.94
C ARG A 336 16.01 20.00 31.50
N ALA A 337 16.15 19.09 32.47
CA ALA A 337 16.55 17.72 32.18
C ALA A 337 15.45 16.99 31.43
N LYS A 338 14.19 17.33 31.69
CA LYS A 338 13.06 16.66 31.05
C LYS A 338 13.01 16.96 29.55
N TYR A 339 13.06 18.24 29.20
CA TYR A 339 13.07 18.61 27.80
C TYR A 339 14.38 18.30 27.12
N PHE A 340 15.47 18.22 27.88
CA PHE A 340 16.72 17.75 27.31
C PHE A 340 16.64 16.28 26.91
N ILE A 341 16.01 15.46 27.76
CA ILE A 341 15.83 14.05 27.45
C ILE A 341 14.88 13.82 26.30
N ARG A 342 13.81 14.61 26.16
CA ARG A 342 13.06 14.44 24.92
C ARG A 342 13.78 15.05 23.72
N ASP A 343 14.70 15.99 23.92
CA ASP A 343 15.49 16.50 22.80
C ASP A 343 16.49 15.49 22.28
N GLU A 344 17.01 14.63 23.16
CA GLU A 344 17.82 13.50 22.72
C GLU A 344 17.05 12.58 21.78
N PHE A 345 15.82 12.25 22.16
CA PHE A 345 15.02 11.32 21.38
C PHE A 345 14.50 11.98 20.11
N LEU A 346 14.22 13.26 20.15
CA LEU A 346 13.82 13.99 18.95
C LEU A 346 15.02 14.41 18.11
N ARG A 347 16.24 14.23 18.60
CA ARG A 347 17.43 14.33 17.80
C ARG A 347 17.73 13.05 17.04
N ILE A 348 17.46 11.90 17.66
CA ILE A 348 17.44 10.65 16.90
C ILE A 348 16.29 10.65 15.90
N SER A 349 15.13 11.13 16.33
CA SER A 349 13.89 10.92 15.59
C SER A 349 13.80 11.81 14.36
N THR A 350 14.41 12.99 14.39
CA THR A 350 14.33 13.91 13.27
C THR A 350 15.54 13.85 12.36
N ALA A 351 16.43 12.88 12.58
CA ALA A 351 17.52 12.67 11.62
C ALA A 351 16.99 12.03 10.35
N SER A 352 16.27 10.92 10.48
CA SER A 352 15.65 10.26 9.34
C SER A 352 14.15 10.16 9.62
N GLY A 353 13.42 9.51 8.73
CA GLY A 353 12.01 9.25 8.94
C GLY A 353 11.12 10.48 8.90
N ASP A 354 11.13 11.20 7.79
CA ASP A 354 10.49 12.51 7.74
C ASP A 354 8.98 12.37 7.62
N GLY A 355 8.51 11.56 6.69
CA GLY A 355 7.08 11.44 6.48
C GLY A 355 6.50 10.07 6.73
N ARG A 356 7.36 9.05 6.79
CA ARG A 356 6.89 7.68 6.85
C ARG A 356 6.41 7.31 8.25
N HIS A 357 7.09 7.82 9.27
CA HIS A 357 6.73 7.53 10.65
C HIS A 357 7.18 8.67 11.53
N TYR A 358 6.56 8.76 12.71
CA TYR A 358 6.67 9.92 13.57
C TYR A 358 6.88 9.45 15.00
N CYS A 359 7.68 10.21 15.74
CA CYS A 359 7.86 9.95 17.16
C CYS A 359 7.07 10.99 17.92
N TYR A 360 6.28 10.54 18.87
CA TYR A 360 5.43 11.42 19.65
C TYR A 360 5.89 11.39 21.08
N PRO A 361 6.61 12.37 21.56
CA PRO A 361 7.15 12.30 22.91
C PRO A 361 6.18 12.81 23.96
N HIS A 362 6.08 12.10 25.08
CA HIS A 362 5.19 12.50 26.16
C HIS A 362 5.90 12.29 27.48
N PHE A 363 5.41 12.96 28.50
CA PHE A 363 5.94 12.81 29.84
C PHE A 363 4.87 12.22 30.75
N THR A 364 5.13 11.00 31.22
CA THR A 364 4.18 10.28 32.05
C THR A 364 4.04 10.90 33.44
N GLU A 370 -5.59 9.23 31.71
CA GLU A 370 -4.99 10.36 31.00
C GLU A 370 -3.84 9.88 30.14
N ASN A 371 -3.17 8.83 30.60
CA ASN A 371 -2.07 8.26 29.84
C ASN A 371 -2.57 7.50 28.64
N ILE A 372 -3.82 7.00 28.69
CA ILE A 372 -4.40 6.25 27.60
C ILE A 372 -5.00 7.21 26.57
N ARG A 373 -5.42 8.39 27.02
CA ARG A 373 -5.90 9.42 26.09
C ARG A 373 -4.80 9.91 25.17
N ARG A 374 -3.55 9.92 25.65
CA ARG A 374 -2.44 10.34 24.81
C ARG A 374 -2.14 9.30 23.74
N VAL A 375 -2.20 8.01 24.10
CA VAL A 375 -2.06 6.93 23.13
C VAL A 375 -3.18 6.98 22.09
N PHE A 376 -4.40 7.29 22.53
CA PHE A 376 -5.52 7.35 21.59
C PHE A 376 -5.40 8.54 20.65
N ASN A 377 -5.05 9.72 21.19
CA ASN A 377 -4.86 10.92 20.38
C ASN A 377 -3.75 10.73 19.38
N ASP A 378 -2.65 10.10 19.78
CA ASP A 378 -1.55 9.90 18.87
C ASP A 378 -1.79 8.77 17.89
N CYS A 379 -2.63 7.81 18.21
CA CYS A 379 -3.01 6.81 17.22
C CYS A 379 -3.97 7.36 16.19
N ARG A 380 -4.90 8.22 16.63
CA ARG A 380 -5.71 9.01 15.71
C ARG A 380 -4.84 9.88 14.81
N ASP A 381 -3.79 10.47 15.36
CA ASP A 381 -2.83 11.26 14.61
C ASP A 381 -1.94 10.44 13.67
N ILE A 382 -1.60 9.20 14.03
CA ILE A 382 -0.89 8.30 13.13
C ILE A 382 -1.75 7.88 11.98
N ILE A 383 -2.99 7.51 12.27
CA ILE A 383 -3.92 7.02 11.26
C ILE A 383 -4.29 8.14 10.30
N GLN A 384 -4.46 9.36 10.84
CA GLN A 384 -4.74 10.51 10.00
C GLN A 384 -3.57 10.83 9.08
N ARG A 385 -2.35 10.70 9.57
CA ARG A 385 -1.20 11.00 8.72
C ARG A 385 -0.96 9.92 7.68
N MET A 386 -1.29 8.68 8.01
CA MET A 386 -1.27 7.60 7.02
C MET A 386 -2.28 7.86 5.90
N HIS A 387 -3.50 8.26 6.26
CA HIS A 387 -4.51 8.56 5.26
C HIS A 387 -4.18 9.81 4.45
N LEU A 388 -3.58 10.81 5.09
CA LEU A 388 -3.18 12.00 4.36
C LEU A 388 -1.99 11.72 3.45
N ARG A 389 -1.18 10.72 3.81
CA ARG A 389 -0.09 10.32 2.96
C ARG A 389 -0.56 9.50 1.77
N GLN A 390 -1.65 8.73 1.94
CA GLN A 390 -2.20 7.96 0.83
C GLN A 390 -2.85 8.82 -0.23
N TYR A 391 -3.16 10.08 0.08
CA TYR A 391 -3.71 11.03 -0.88
C TYR A 391 -2.69 12.05 -1.36
N GLU A 392 -1.43 11.94 -0.92
CA GLU A 392 -0.37 12.92 -1.11
C GLU A 392 -0.78 14.31 -0.62
N LEU A 393 -1.52 14.37 0.49
CA LEU A 393 -1.84 15.62 1.12
C LEU A 393 -0.88 15.99 2.23
N LEU A 394 0.20 15.24 2.39
CA LEU A 394 1.14 15.51 3.46
C LEU A 394 2.55 15.05 3.06
N GLN B 3 33.05 -18.79 10.97
CA GLN B 3 32.79 -18.40 12.35
C GLN B 3 33.13 -16.92 12.55
N VAL B 4 32.17 -16.15 13.05
CA VAL B 4 32.40 -14.75 13.35
C VAL B 4 33.25 -14.66 14.61
N GLN B 5 34.45 -14.11 14.46
CA GLN B 5 35.44 -14.07 15.53
C GLN B 5 35.82 -12.63 15.82
N LEU B 6 35.57 -12.18 17.05
CA LEU B 6 35.99 -10.86 17.50
C LEU B 6 37.06 -11.03 18.56
N GLN B 7 38.30 -10.64 18.22
CA GLN B 7 39.47 -10.90 19.07
C GLN B 7 39.99 -9.58 19.59
N GLU B 8 39.51 -9.16 20.76
CA GLU B 8 39.93 -7.90 21.34
C GLU B 8 41.32 -8.04 21.94
N SER B 9 42.06 -6.93 21.93
CA SER B 9 43.43 -6.92 22.42
C SER B 9 43.80 -5.49 22.80
N GLY B 10 44.87 -5.38 23.57
CA GLY B 10 45.42 -4.10 23.95
C GLY B 10 45.03 -3.57 25.31
N GLY B 11 44.32 -4.37 26.10
CA GLY B 11 43.80 -3.91 27.38
C GLY B 11 44.75 -4.24 28.52
N GLY B 12 45.11 -3.23 29.29
CA GLY B 12 45.99 -3.42 30.42
C GLY B 12 45.59 -2.61 31.63
N LEU B 13 46.55 -2.28 32.48
CA LEU B 13 46.31 -1.50 33.69
C LEU B 13 47.07 -0.18 33.58
N VAL B 14 46.45 0.90 34.05
CA VAL B 14 47.03 2.23 33.99
C VAL B 14 46.42 3.08 35.10
N GLN B 15 47.18 4.08 35.55
CA GLN B 15 46.68 5.03 36.53
C GLN B 15 45.70 5.98 35.88
N PRO B 16 44.81 6.64 36.67
CA PRO B 16 43.91 7.65 36.10
C PRO B 16 44.63 8.81 35.43
N GLY B 17 44.19 9.16 34.23
CA GLY B 17 44.89 10.11 33.41
C GLY B 17 45.82 9.48 32.39
N GLY B 18 45.82 8.16 32.27
CA GLY B 18 46.68 7.48 31.33
C GLY B 18 46.03 7.25 29.98
N SER B 19 46.53 6.25 29.27
CA SER B 19 46.04 5.95 27.93
C SER B 19 46.24 4.48 27.62
N LEU B 20 45.26 3.92 26.92
CA LEU B 20 45.33 2.56 26.37
C LEU B 20 44.72 2.60 24.98
N ARG B 21 45.07 1.63 24.15
CA ARG B 21 44.57 1.58 22.78
C ARG B 21 44.05 0.18 22.50
N LEU B 22 42.74 0.01 22.64
CA LEU B 22 42.13 -1.27 22.37
C LEU B 22 42.02 -1.51 20.87
N SER B 23 42.00 -2.78 20.49
CA SER B 23 41.80 -3.17 19.11
C SER B 23 41.16 -4.54 19.07
N CYS B 24 40.11 -4.67 18.28
CA CYS B 24 39.43 -5.95 18.10
C CYS B 24 39.67 -6.44 16.67
N ALA B 25 40.47 -7.50 16.56
CA ALA B 25 40.78 -8.12 15.28
C ALA B 25 39.62 -9.03 14.89
N ALA B 26 38.99 -8.72 13.77
CA ALA B 26 37.68 -9.27 13.44
C ALA B 26 37.78 -10.12 12.18
N SER B 27 37.61 -11.42 12.33
CA SER B 27 37.64 -12.35 11.22
C SER B 27 36.32 -13.08 11.10
N GLY B 28 36.11 -13.71 9.95
CA GLY B 28 34.93 -14.49 9.70
C GLY B 28 33.83 -13.77 8.95
N PHE B 29 33.96 -12.45 8.79
CA PHE B 29 32.95 -11.66 8.10
C PHE B 29 33.63 -10.51 7.38
N THR B 30 32.93 -9.95 6.39
CA THR B 30 33.39 -8.77 5.67
C THR B 30 33.22 -7.57 6.60
N PHE B 31 34.34 -7.02 7.07
CA PHE B 31 34.34 -6.02 8.13
C PHE B 31 33.69 -4.71 7.70
N SER B 32 33.73 -4.41 6.41
CA SER B 32 33.31 -3.10 5.94
C SER B 32 31.80 -2.94 5.88
N ASN B 33 31.05 -4.05 5.85
CA ASN B 33 29.60 -3.98 5.71
C ASN B 33 28.89 -3.78 7.03
N TYR B 34 29.60 -3.85 8.14
CA TYR B 34 28.97 -3.87 9.45
C TYR B 34 29.28 -2.61 10.23
N LYS B 35 28.28 -2.15 10.98
CA LYS B 35 28.52 -1.13 11.99
C LYS B 35 29.10 -1.82 13.21
N MET B 36 30.25 -1.37 13.68
CA MET B 36 30.88 -1.94 14.84
C MET B 36 30.43 -1.17 16.07
N ASN B 37 30.95 -1.56 17.24
CA ASN B 37 30.48 -1.03 18.52
C ASN B 37 31.54 -1.30 19.57
N TRP B 38 31.44 -0.59 20.69
CA TRP B 38 32.26 -0.83 21.87
C TRP B 38 31.33 -0.91 23.06
N VAL B 39 31.35 -2.04 23.75
CA VAL B 39 30.44 -2.30 24.86
C VAL B 39 31.32 -2.60 26.06
N ARG B 40 31.24 -1.78 27.08
CA ARG B 40 31.97 -2.06 28.30
C ARG B 40 31.05 -2.66 29.34
N GLN B 41 31.61 -3.48 30.21
CA GLN B 41 30.85 -4.08 31.30
C GLN B 41 31.56 -3.79 32.60
N ALA B 42 30.95 -2.96 33.43
CA ALA B 42 31.46 -2.54 34.72
C ALA B 42 31.57 -3.74 35.67
N PRO B 43 32.38 -3.64 36.74
CA PRO B 43 32.40 -4.71 37.74
C PRO B 43 31.06 -4.95 38.42
N GLY B 44 30.35 -3.89 38.75
CA GLY B 44 29.13 -4.01 39.51
C GLY B 44 27.84 -3.96 38.72
N LYS B 45 27.90 -3.73 37.41
CA LYS B 45 26.66 -3.56 36.64
C LYS B 45 26.66 -4.42 35.38
N GLY B 46 25.68 -4.19 34.52
CA GLY B 46 25.53 -4.94 33.27
C GLY B 46 26.40 -4.42 32.17
N LEU B 47 25.82 -4.36 30.96
CA LEU B 47 26.54 -4.02 29.74
C LEU B 47 26.14 -2.64 29.26
N GLU B 48 27.11 -1.72 29.27
CA GLU B 48 26.94 -0.36 28.78
C GLU B 48 27.56 -0.25 27.41
N TRP B 49 26.77 0.17 26.44
CA TRP B 49 27.30 0.61 25.15
C TRP B 49 28.18 1.81 25.37
N VAL B 50 29.25 1.93 24.60
CA VAL B 50 30.15 3.07 24.72
C VAL B 50 30.14 3.90 23.46
N SER B 51 30.40 3.28 22.31
CA SER B 51 30.64 4.04 21.09
C SER B 51 30.48 3.16 19.87
N ASP B 52 29.71 3.63 18.91
CA ASP B 52 29.55 2.91 17.67
C ASP B 52 30.20 3.69 16.55
N ILE B 53 30.54 3.00 15.48
CA ILE B 53 31.06 3.61 14.28
C ILE B 53 30.53 2.84 13.08
N SER B 54 30.03 3.56 12.10
CA SER B 54 29.30 2.95 11.00
C SER B 54 30.28 2.33 10.01
N GLN B 55 29.77 2.00 8.82
CA GLN B 55 30.55 1.26 7.83
C GLN B 55 31.72 2.11 7.31
N SER B 56 31.45 3.38 7.03
CA SER B 56 32.48 4.23 6.44
C SER B 56 33.53 4.62 7.46
N GLY B 57 33.11 4.99 8.66
CA GLY B 57 33.99 5.57 9.63
C GLY B 57 33.82 7.06 9.81
N ALA B 58 32.69 7.61 9.36
CA ALA B 58 32.40 9.02 9.54
C ALA B 58 31.15 9.25 10.37
N SER B 59 30.35 8.22 10.61
CA SER B 59 29.24 8.29 11.54
C SER B 59 29.69 7.68 12.85
N ILE B 60 30.04 8.53 13.80
CA ILE B 60 30.60 8.13 15.08
C ILE B 60 29.71 8.68 16.17
N SER B 61 29.33 7.84 17.12
CA SER B 61 28.62 8.34 18.29
C SER B 61 29.26 7.76 19.54
N TYR B 62 28.89 8.34 20.68
CA TYR B 62 29.45 7.97 21.96
C TYR B 62 28.39 8.14 23.04
N THR B 63 28.60 7.47 24.16
CA THR B 63 27.99 7.94 25.39
C THR B 63 28.67 9.23 25.82
N GLY B 64 27.96 10.06 26.56
CA GLY B 64 28.59 11.23 27.11
C GLY B 64 29.59 10.93 28.20
N SER B 65 29.57 9.71 28.74
CA SER B 65 30.55 9.33 29.74
C SER B 65 31.94 9.20 29.17
N VAL B 66 32.04 9.07 27.85
CA VAL B 66 33.30 8.94 27.15
C VAL B 66 33.48 10.04 26.11
N LYS B 67 32.50 10.94 26.00
CA LYS B 67 32.51 11.99 24.98
C LYS B 67 33.58 13.02 25.30
N GLY B 68 34.39 13.35 24.30
CA GLY B 68 35.52 14.24 24.47
C GLY B 68 36.78 13.57 24.95
N ARG B 69 36.70 12.30 25.37
CA ARG B 69 37.81 11.61 25.98
C ARG B 69 38.29 10.40 25.22
N PHE B 70 37.40 9.65 24.58
CA PHE B 70 37.75 8.46 23.82
C PHE B 70 37.46 8.74 22.36
N THR B 71 38.21 8.12 21.46
CA THR B 71 38.06 8.37 20.03
C THR B 71 38.26 7.08 19.23
N ILE B 72 37.15 6.52 18.76
CA ILE B 72 37.22 5.31 17.96
C ILE B 72 37.60 5.63 16.53
N SER B 73 38.15 4.62 15.85
CA SER B 73 38.37 4.64 14.42
C SER B 73 38.44 3.20 13.96
N ARG B 74 37.98 2.96 12.74
CA ARG B 74 38.13 1.65 12.14
C ARG B 74 39.02 1.80 10.91
N ASP B 75 39.83 0.79 10.67
CA ASP B 75 40.57 0.66 9.42
C ASP B 75 40.03 -0.57 8.72
N ASN B 76 39.38 -0.36 7.58
CA ASN B 76 38.64 -1.43 6.94
C ASN B 76 39.56 -2.41 6.24
N ALA B 77 40.77 -1.98 5.89
CA ALA B 77 41.68 -2.83 5.13
C ALA B 77 42.28 -3.91 6.02
N LYS B 78 42.69 -3.55 7.24
CA LYS B 78 43.32 -4.49 8.16
C LYS B 78 42.30 -5.24 9.01
N ASN B 79 41.01 -4.96 8.83
CA ASN B 79 39.90 -5.52 9.60
C ASN B 79 40.06 -5.27 11.09
N THR B 80 40.20 -4.00 11.43
CA THR B 80 40.52 -3.57 12.78
C THR B 80 39.58 -2.46 13.22
N LEU B 81 39.42 -2.35 14.53
CA LEU B 81 38.59 -1.32 15.13
C LEU B 81 39.21 -0.90 16.44
N TYR B 82 39.49 0.39 16.59
CA TYR B 82 40.30 0.91 17.67
C TYR B 82 39.42 1.71 18.61
N LEU B 83 39.81 1.74 19.88
CA LEU B 83 39.23 2.66 20.87
C LEU B 83 40.42 3.29 21.58
N GLN B 84 40.87 4.43 21.06
CA GLN B 84 41.89 5.20 21.77
C GLN B 84 41.28 5.77 23.03
N MET B 85 41.88 5.47 24.16
CA MET B 85 41.39 5.87 25.47
C MET B 85 42.30 6.95 26.03
N ASN B 86 41.71 7.98 26.63
CA ASN B 86 42.49 9.09 27.17
C ASN B 86 41.84 9.62 28.44
N SER B 87 42.69 9.92 29.44
CA SER B 87 42.30 10.53 30.72
C SER B 87 41.25 9.69 31.44
N LEU B 88 41.66 8.49 31.82
CA LEU B 88 40.72 7.49 32.32
C LEU B 88 40.30 7.82 33.74
N LYS B 89 39.05 7.49 34.04
CA LYS B 89 38.49 7.73 35.36
C LYS B 89 38.29 6.38 36.05
N PRO B 90 38.13 6.34 37.38
CA PRO B 90 37.81 5.07 38.04
C PRO B 90 36.39 4.57 37.79
N GLU B 91 35.56 5.36 37.13
CA GLU B 91 34.28 4.90 36.64
C GLU B 91 34.35 4.36 35.21
N ASP B 92 35.56 4.23 34.66
CA ASP B 92 35.77 3.71 33.32
C ASP B 92 36.48 2.36 33.31
N THR B 93 36.71 1.76 34.47
CA THR B 93 37.30 0.43 34.52
C THR B 93 36.23 -0.61 34.25
N ALA B 94 36.46 -1.45 33.24
CA ALA B 94 35.45 -2.39 32.77
C ALA B 94 36.11 -3.40 31.85
N VAL B 95 35.32 -4.37 31.42
CA VAL B 95 35.69 -5.29 30.36
C VAL B 95 35.12 -4.74 29.07
N TYR B 96 35.97 -4.45 28.09
CA TYR B 96 35.53 -3.75 26.88
C TYR B 96 35.33 -4.75 25.75
N TYR B 97 34.09 -5.18 25.58
CA TYR B 97 33.73 -6.01 24.45
C TYR B 97 33.56 -5.17 23.21
N CYS B 98 34.14 -5.63 22.11
CA CYS B 98 33.97 -4.99 20.81
C CYS B 98 32.87 -5.76 20.10
N ALA B 99 31.73 -5.13 19.92
CA ALA B 99 30.57 -5.81 19.37
C ALA B 99 30.45 -5.54 17.88
N ARG B 100 29.45 -6.16 17.26
CA ARG B 100 29.22 -6.03 15.84
C ARG B 100 27.75 -6.26 15.58
N CYS B 101 27.02 -5.19 15.21
CA CYS B 101 25.57 -5.32 14.95
C CYS B 101 25.39 -6.41 13.93
N PRO B 102 24.32 -7.18 14.08
CA PRO B 102 24.21 -8.35 13.21
C PRO B 102 24.12 -8.21 11.72
N ALA B 103 23.24 -7.37 11.18
CA ALA B 103 22.99 -7.43 9.75
C ALA B 103 23.98 -6.50 9.04
N PRO B 104 24.27 -6.73 7.76
CA PRO B 104 25.04 -5.73 7.02
C PRO B 104 24.16 -4.67 6.45
N PHE B 105 24.72 -3.49 6.14
CA PHE B 105 24.08 -2.39 5.42
C PHE B 105 22.83 -1.87 6.12
N THR B 106 22.72 -2.09 7.42
CA THR B 106 21.54 -1.67 8.16
C THR B 106 21.91 -0.53 9.10
N ARG B 107 21.04 0.48 9.12
CA ARG B 107 21.24 1.60 10.03
C ARG B 107 20.91 1.22 11.46
N ASP B 108 20.07 0.21 11.66
CA ASP B 108 19.72 -0.24 12.99
C ASP B 108 20.84 -1.10 13.57
N CYS B 109 20.91 -1.13 14.89
CA CYS B 109 21.98 -1.86 15.56
C CYS B 109 21.39 -2.50 16.81
N PHE B 110 20.83 -3.69 16.68
CA PHE B 110 20.04 -4.32 17.71
C PHE B 110 20.86 -5.23 18.60
N ASP B 111 20.45 -5.32 19.87
CA ASP B 111 20.82 -6.36 20.82
C ASP B 111 22.30 -6.44 21.10
N VAL B 112 23.01 -5.35 20.90
CA VAL B 112 24.45 -5.28 21.05
C VAL B 112 24.84 -5.40 22.53
N THR B 113 24.08 -4.74 23.41
CA THR B 113 24.32 -4.81 24.84
C THR B 113 23.45 -5.86 25.52
N SER B 114 23.01 -6.85 24.78
CA SER B 114 22.21 -7.89 25.40
C SER B 114 23.10 -8.83 26.19
N THR B 115 22.47 -9.63 27.04
CA THR B 115 23.23 -10.48 27.95
C THR B 115 23.95 -11.60 27.22
N THR B 116 23.31 -12.17 26.20
CA THR B 116 23.87 -13.30 25.46
C THR B 116 23.92 -12.98 23.97
N TYR B 117 24.47 -11.83 23.62
CA TYR B 117 24.63 -11.46 22.22
C TYR B 117 25.73 -12.31 21.59
N ALA B 118 25.55 -12.62 20.31
CA ALA B 118 26.37 -13.63 19.65
C ALA B 118 27.69 -13.05 19.13
N TYR B 119 27.63 -11.92 18.44
CA TYR B 119 28.76 -11.38 17.68
C TYR B 119 29.59 -10.41 18.50
N ARG B 120 29.65 -10.65 19.79
CA ARG B 120 30.42 -9.85 20.73
C ARG B 120 31.65 -10.64 21.14
N GLY B 121 32.77 -9.96 21.29
CA GLY B 121 34.00 -10.63 21.64
C GLY B 121 34.08 -10.98 23.12
N GLN B 122 35.29 -11.36 23.54
CA GLN B 122 35.50 -11.81 24.90
C GLN B 122 35.94 -10.69 25.83
N GLY B 123 36.46 -9.60 25.29
CA GLY B 123 36.64 -8.38 26.06
C GLY B 123 37.95 -8.24 26.79
N THR B 124 38.64 -7.11 26.59
CA THR B 124 39.85 -6.78 27.31
C THR B 124 39.47 -6.17 28.64
N GLN B 125 39.97 -6.73 29.73
CA GLN B 125 39.78 -6.10 31.03
C GLN B 125 40.67 -4.87 31.13
N VAL B 126 40.07 -3.69 31.10
CA VAL B 126 40.77 -2.44 31.31
C VAL B 126 40.55 -2.03 32.75
N THR B 127 41.63 -1.86 33.49
CA THR B 127 41.57 -1.63 34.93
C THR B 127 42.34 -0.37 35.29
N VAL B 128 41.70 0.49 36.07
CA VAL B 128 42.40 1.67 36.59
C VAL B 128 42.30 1.69 38.11
N HIS C 1 -26.86 24.36 -14.05
CA HIS C 1 -25.48 24.11 -14.41
C HIS C 1 -25.10 24.79 -15.73
N GLN C 3 -24.07 23.53 -18.79
CA GLN C 3 -24.54 23.01 -20.07
C GLN C 3 -26.02 23.17 -20.23
N GLY C 4 -26.71 23.50 -19.14
CA GLY C 4 -28.13 23.76 -19.25
C GLY C 4 -28.12 25.14 -19.86
N THR C 5 -27.49 26.09 -19.19
CA THR C 5 -27.34 27.44 -19.71
C THR C 5 -26.87 27.52 -21.13
N PHE C 6 -25.71 26.96 -21.40
CA PHE C 6 -25.07 27.03 -22.71
C PHE C 6 -25.94 26.47 -23.75
N THR C 7 -26.52 25.33 -23.44
CA THR C 7 -27.33 24.67 -24.43
C THR C 7 -28.61 25.45 -24.58
N SER C 8 -29.18 25.97 -23.51
CA SER C 8 -30.37 26.82 -23.64
C SER C 8 -30.04 27.98 -24.55
N ASP C 9 -28.95 28.67 -24.24
CA ASP C 9 -28.56 29.81 -25.03
C ASP C 9 -28.30 29.41 -26.46
N LYS C 10 -27.65 28.26 -26.69
CA LYS C 10 -27.35 27.76 -28.04
C LYS C 10 -28.63 27.42 -28.78
N SER C 11 -29.45 26.60 -28.16
CA SER C 11 -30.67 26.16 -28.81
C SER C 11 -31.59 27.29 -29.22
N LYS C 12 -31.72 28.34 -28.41
CA LYS C 12 -32.64 29.39 -28.77
C LYS C 12 -31.93 30.41 -29.64
N TYR C 13 -30.60 30.33 -29.75
CA TYR C 13 -29.96 31.27 -30.62
C TYR C 13 -30.25 30.65 -31.96
N LEU C 14 -30.37 29.31 -31.99
CA LEU C 14 -30.56 28.68 -33.28
C LEU C 14 -31.99 28.58 -33.70
N ASP C 15 -32.90 28.54 -32.73
CA ASP C 15 -34.32 28.49 -33.05
C ASP C 15 -34.81 29.84 -33.53
N GLU C 16 -34.31 30.94 -32.95
CA GLU C 16 -34.62 32.27 -33.46
C GLU C 16 -34.03 32.47 -34.85
N ARG C 17 -32.84 31.93 -35.08
CA ARG C 17 -32.22 31.96 -36.40
C ARG C 17 -33.02 31.15 -37.41
N ALA C 18 -33.60 30.04 -36.97
CA ALA C 18 -34.44 29.24 -37.86
C ALA C 18 -35.76 29.95 -38.14
N ALA C 19 -36.26 30.72 -37.19
CA ALA C 19 -37.47 31.51 -37.43
C ALA C 19 -37.21 32.59 -38.47
N GLN C 20 -36.08 33.31 -38.34
CA GLN C 20 -35.74 34.33 -39.32
C GLN C 20 -35.40 33.72 -40.67
N ASP C 21 -34.81 32.53 -40.68
CA ASP C 21 -34.51 31.86 -41.94
C ASP C 21 -35.78 31.35 -42.62
N PHE C 22 -36.75 30.92 -41.84
CA PHE C 22 -38.05 30.55 -42.39
C PHE C 22 -38.76 31.76 -42.97
N VAL C 23 -38.65 32.91 -42.30
CA VAL C 23 -39.26 34.14 -42.84
C VAL C 23 -38.54 34.55 -44.12
N GLN C 24 -37.23 34.29 -44.21
CA GLN C 24 -36.51 34.53 -45.44
C GLN C 24 -36.86 33.51 -46.51
N TRP C 25 -37.37 32.35 -46.11
CA TRP C 25 -37.78 31.35 -47.08
C TRP C 25 -39.11 31.71 -47.70
N LEU C 26 -39.94 32.47 -46.97
CA LEU C 26 -41.26 32.82 -47.48
C LEU C 26 -41.18 33.95 -48.49
N LEU C 27 -40.16 34.80 -48.39
CA LEU C 27 -40.03 35.93 -49.30
C LEU C 27 -39.76 35.48 -50.73
N ASP C 28 -38.97 34.42 -50.89
CA ASP C 28 -38.70 33.82 -52.20
C ASP C 28 -38.92 32.31 -52.11
N GLY C 29 -40.16 31.89 -52.34
CA GLY C 29 -40.51 30.49 -52.25
C GLY C 29 -41.65 30.21 -51.29
N ALA D 5 -38.78 34.27 -21.70
CA ALA D 5 -38.51 33.29 -22.73
C ALA D 5 -38.67 33.91 -24.12
N THR D 6 -38.24 33.17 -25.15
CA THR D 6 -38.28 33.64 -26.52
C THR D 6 -38.93 32.54 -27.35
N VAL D 7 -39.27 32.87 -28.60
CA VAL D 7 -40.12 32.05 -29.47
C VAL D 7 -39.40 30.75 -29.85
N SER D 8 -40.15 29.75 -30.29
CA SER D 8 -39.56 28.52 -30.79
C SER D 8 -39.57 28.51 -32.31
N LEU D 9 -38.89 27.52 -32.89
CA LEU D 9 -39.04 27.28 -34.32
C LEU D 9 -40.31 26.51 -34.60
N TRP D 10 -40.59 25.48 -33.79
CA TRP D 10 -41.78 24.65 -33.97
C TRP D 10 -43.05 25.47 -33.77
N GLU D 11 -43.02 26.40 -32.80
CA GLU D 11 -44.13 27.31 -32.60
C GLU D 11 -44.32 28.22 -33.81
N THR D 12 -43.21 28.65 -34.43
CA THR D 12 -43.29 29.51 -35.60
C THR D 12 -43.87 28.75 -36.80
N VAL D 13 -43.48 27.49 -36.96
CA VAL D 13 -44.02 26.67 -38.05
C VAL D 13 -45.50 26.38 -37.85
N GLN D 14 -45.91 26.14 -36.60
CA GLN D 14 -47.34 25.93 -36.33
C GLN D 14 -48.14 27.20 -36.56
N LYS D 15 -47.59 28.35 -36.15
CA LYS D 15 -48.26 29.63 -36.39
C LYS D 15 -48.34 29.94 -37.88
N TRP D 16 -47.29 29.59 -38.63
CA TRP D 16 -47.31 29.82 -40.08
C TRP D 16 -48.31 28.92 -40.77
N ARG D 17 -48.42 27.66 -40.31
CA ARG D 17 -49.34 26.74 -40.95
C ARG D 17 -50.79 27.13 -40.68
N GLU D 18 -51.08 27.57 -39.45
CA GLU D 18 -52.45 28.02 -39.15
C GLU D 18 -52.75 29.35 -39.84
N TYR D 19 -51.75 30.23 -39.98
CA TYR D 19 -51.94 31.46 -40.73
C TYR D 19 -52.17 31.17 -42.21
N ARG D 20 -51.47 30.18 -42.75
CA ARG D 20 -51.60 29.78 -44.14
C ARG D 20 -53.00 29.26 -44.42
N ARG D 21 -53.47 28.36 -43.55
CA ARG D 21 -54.83 27.83 -43.70
C ARG D 21 -55.88 28.92 -43.52
N GLN D 22 -55.72 29.77 -42.51
CA GLN D 22 -56.70 30.80 -42.20
C GLN D 22 -56.77 31.86 -43.30
N CYS D 23 -55.64 32.16 -43.94
CA CYS D 23 -55.68 33.17 -44.97
C CYS D 23 -55.97 32.57 -46.35
N GLN D 24 -55.84 31.25 -46.49
CA GLN D 24 -56.40 30.61 -47.68
C GLN D 24 -57.92 30.53 -47.59
N ARG D 25 -58.48 30.48 -46.38
CA ARG D 25 -59.93 30.50 -46.26
C ARG D 25 -60.51 31.87 -46.56
N SER D 26 -59.70 32.93 -46.46
CA SER D 26 -60.13 34.27 -46.84
C SER D 26 -59.58 34.71 -48.19
N LEU D 27 -58.65 33.95 -48.79
CA LEU D 27 -58.12 34.31 -50.10
C LEU D 27 -59.16 34.06 -51.18
N THR D 28 -59.95 32.99 -51.03
CA THR D 28 -61.04 32.66 -51.95
C THR D 28 -62.40 33.05 -51.38
N GLU D 29 -62.45 34.16 -50.63
CA GLU D 29 -63.71 34.58 -50.02
C GLU D 29 -64.62 35.27 -51.04
N ASP D 30 -64.17 36.38 -51.60
CA ASP D 30 -64.96 37.13 -52.57
C ASP D 30 -64.03 37.89 -53.51
N PRO D 31 -63.90 37.46 -54.76
CA PRO D 31 -63.00 38.15 -55.69
C PRO D 31 -63.68 39.37 -56.30
N PRO D 32 -63.06 40.54 -56.21
CA PRO D 32 -63.64 41.73 -56.83
C PRO D 32 -63.01 42.14 -58.15
N PRO D 33 -62.13 41.31 -58.81
CA PRO D 33 -61.14 42.00 -59.67
C PRO D 33 -61.68 42.35 -61.05
N ALA D 34 -62.55 43.36 -61.09
CA ALA D 34 -63.17 43.81 -62.32
C ALA D 34 -62.33 44.88 -63.03
N THR D 35 -61.08 45.07 -62.62
CA THR D 35 -60.18 46.00 -63.29
C THR D 35 -59.51 45.30 -64.47
N ASP D 36 -58.82 46.09 -65.29
CA ASP D 36 -58.18 45.59 -66.51
C ASP D 36 -56.67 45.67 -66.33
N LEU D 37 -55.99 44.54 -66.47
CA LEU D 37 -54.54 44.39 -66.36
C LEU D 37 -54.02 44.87 -65.00
N PHE D 38 -54.46 44.17 -63.95
CA PHE D 38 -53.99 44.44 -62.60
C PHE D 38 -53.78 43.12 -61.88
N CYS D 39 -53.18 43.21 -60.69
CA CYS D 39 -52.79 42.02 -59.95
C CYS D 39 -53.99 41.35 -59.29
N ASN D 40 -53.91 40.02 -59.16
CA ASN D 40 -54.95 39.21 -58.57
C ASN D 40 -54.50 38.71 -57.21
N ARG D 41 -55.32 37.84 -56.62
CA ARG D 41 -55.03 37.29 -55.29
C ARG D 41 -54.04 36.14 -55.39
N THR D 42 -53.07 36.15 -54.47
CA THR D 42 -52.07 35.10 -54.42
C THR D 42 -51.53 34.98 -53.01
N PHE D 43 -50.87 33.86 -52.72
CA PHE D 43 -50.16 33.64 -51.47
C PHE D 43 -48.72 33.29 -51.80
N ASP D 44 -47.79 34.14 -51.38
CA ASP D 44 -46.37 34.00 -51.70
C ASP D 44 -45.60 33.18 -50.68
N GLU D 45 -46.29 32.39 -49.85
CA GLU D 45 -45.83 31.58 -48.72
C GLU D 45 -45.25 32.44 -47.58
N TYR D 46 -45.27 33.76 -47.66
CA TYR D 46 -44.78 34.62 -46.59
C TYR D 46 -45.85 35.48 -45.97
N ALA D 47 -46.59 36.25 -46.78
CA ALA D 47 -47.66 37.08 -46.27
C ALA D 47 -48.75 37.21 -47.32
N CYS D 48 -49.98 36.90 -46.95
CA CYS D 48 -51.05 36.88 -47.94
C CYS D 48 -51.51 38.29 -48.28
N TRP D 49 -51.66 38.54 -49.56
CA TRP D 49 -52.02 39.82 -50.13
C TRP D 49 -53.54 39.93 -50.21
N PRO D 50 -54.08 41.17 -50.38
CA PRO D 50 -55.53 41.33 -50.60
C PRO D 50 -56.09 40.55 -51.79
N ASP D 51 -57.39 40.26 -51.74
CA ASP D 51 -58.04 39.48 -52.78
C ASP D 51 -58.15 40.24 -54.10
N GLY D 52 -58.19 41.57 -54.05
CA GLY D 52 -58.24 42.37 -55.25
C GLY D 52 -57.64 43.74 -55.05
N GLU D 53 -56.74 44.15 -55.94
CA GLU D 53 -56.10 45.45 -55.87
C GLU D 53 -56.17 46.12 -57.24
N PRO D 54 -56.98 47.16 -57.41
CA PRO D 54 -57.03 47.88 -58.69
C PRO D 54 -55.94 48.93 -58.88
N GLY D 55 -54.89 48.93 -58.06
CA GLY D 55 -53.83 49.90 -58.15
C GLY D 55 -53.62 50.75 -56.91
N SER D 56 -54.11 50.32 -55.75
CA SER D 56 -53.96 51.06 -54.50
C SER D 56 -52.91 50.41 -53.61
N PHE D 57 -52.19 51.25 -52.87
CA PHE D 57 -51.09 50.80 -52.01
C PHE D 57 -51.64 50.34 -50.67
N VAL D 58 -52.33 49.21 -50.69
CA VAL D 58 -52.90 48.60 -49.49
C VAL D 58 -52.39 47.18 -49.38
N ASN D 59 -51.51 46.93 -48.42
CA ASN D 59 -51.02 45.60 -48.07
C ASN D 59 -51.41 45.29 -46.63
N VAL D 60 -51.19 44.03 -46.23
CA VAL D 60 -51.34 43.67 -44.82
C VAL D 60 -50.16 44.15 -43.99
N SER D 61 -49.03 44.43 -44.63
CA SER D 61 -47.89 45.24 -44.21
C SER D 61 -46.99 44.58 -43.16
N CYS D 62 -47.39 43.45 -42.54
CA CYS D 62 -46.55 42.52 -41.79
C CYS D 62 -47.37 41.30 -41.44
N PRO D 63 -46.81 40.09 -41.54
CA PRO D 63 -47.50 38.91 -41.04
C PRO D 63 -47.20 38.66 -39.57
N TRP D 64 -48.15 38.02 -38.90
CA TRP D 64 -48.14 37.98 -37.44
C TRP D 64 -47.69 36.63 -36.87
N TYR D 65 -47.27 35.68 -37.71
CA TYR D 65 -46.71 34.44 -37.20
C TYR D 65 -45.23 34.55 -36.90
N LEU D 66 -44.55 35.55 -37.45
CA LEU D 66 -43.10 35.62 -37.43
C LEU D 66 -42.60 35.92 -36.02
N PRO D 67 -41.33 35.58 -35.71
CA PRO D 67 -40.82 35.75 -34.33
C PRO D 67 -40.86 37.17 -33.79
N TRP D 68 -40.38 38.16 -34.53
CA TRP D 68 -40.25 39.52 -34.03
C TRP D 68 -41.45 40.38 -34.43
N ALA D 69 -42.64 39.78 -34.47
CA ALA D 69 -43.84 40.50 -34.89
C ALA D 69 -44.28 41.52 -33.85
N SER D 70 -44.12 41.20 -32.56
CA SER D 70 -44.53 42.15 -31.53
C SER D 70 -43.56 43.30 -31.39
N SER D 71 -42.35 43.20 -31.95
CA SER D 71 -41.42 44.31 -31.91
C SER D 71 -41.84 45.42 -32.85
N VAL D 72 -42.34 45.07 -34.04
CA VAL D 72 -42.76 46.03 -35.04
C VAL D 72 -44.26 45.88 -35.29
N PRO D 73 -45.08 46.77 -34.71
CA PRO D 73 -46.52 46.76 -35.01
C PRO D 73 -46.89 47.67 -36.17
N GLN D 74 -45.96 48.55 -36.57
CA GLN D 74 -46.23 49.54 -37.59
C GLN D 74 -46.20 48.90 -38.99
N GLY D 75 -46.86 49.57 -39.93
CA GLY D 75 -46.94 49.07 -41.28
C GLY D 75 -47.01 50.09 -42.38
N HIS D 76 -47.99 49.92 -43.27
CA HIS D 76 -48.25 50.75 -44.46
C HIS D 76 -47.04 50.79 -45.39
N VAL D 77 -46.75 49.61 -45.95
CA VAL D 77 -45.71 49.49 -46.96
C VAL D 77 -46.26 49.93 -48.30
N TYR D 78 -45.50 50.76 -49.02
CA TYR D 78 -45.89 51.20 -50.36
C TYR D 78 -45.36 50.21 -51.40
N ARG D 79 -46.06 49.08 -51.47
CA ARG D 79 -45.72 47.99 -52.41
C ARG D 79 -47.03 47.50 -53.02
N PHE D 80 -47.40 48.06 -54.17
CA PHE D 80 -48.59 47.68 -54.88
C PHE D 80 -48.27 47.32 -56.32
N CYS D 81 -49.25 46.73 -57.00
CA CYS D 81 -49.10 46.33 -58.39
C CYS D 81 -49.48 47.48 -59.32
N THR D 82 -48.81 47.53 -60.46
CA THR D 82 -49.06 48.55 -61.47
C THR D 82 -50.02 48.00 -62.52
N ALA D 83 -50.21 48.77 -63.60
CA ALA D 83 -51.19 48.45 -64.62
C ALA D 83 -50.62 47.60 -65.76
N GLU D 84 -49.55 46.85 -65.50
CA GLU D 84 -48.97 45.97 -66.51
C GLU D 84 -49.52 44.55 -66.45
N GLY D 85 -50.55 44.31 -65.63
CA GLY D 85 -51.09 42.99 -65.44
C GLY D 85 -50.51 42.22 -64.29
N LEU D 86 -49.44 42.72 -63.68
CA LEU D 86 -48.75 42.04 -62.59
C LEU D 86 -48.04 43.13 -61.78
N TRP D 87 -47.42 42.74 -60.67
CA TRP D 87 -46.71 43.67 -59.80
C TRP D 87 -45.49 44.27 -60.51
N LEU D 88 -45.01 45.37 -59.97
CA LEU D 88 -43.81 46.00 -60.50
C LEU D 88 -42.59 45.14 -60.16
N GLN D 89 -41.60 45.17 -61.05
CA GLN D 89 -40.47 44.27 -60.96
C GLN D 89 -39.18 44.99 -60.58
N LYS D 90 -38.28 44.24 -59.96
CA LYS D 90 -37.01 44.77 -59.50
C LYS D 90 -35.99 44.67 -60.64
N ASP D 91 -34.72 44.89 -60.30
CA ASP D 91 -33.64 44.82 -61.29
C ASP D 91 -33.37 43.36 -61.63
N ASN D 92 -33.80 42.94 -62.83
CA ASN D 92 -33.64 41.58 -63.36
C ASN D 92 -34.25 40.53 -62.42
N SER D 93 -35.56 40.63 -62.21
CA SER D 93 -36.27 39.71 -61.33
C SER D 93 -37.65 39.45 -61.89
N SER D 94 -38.15 38.24 -61.63
CA SER D 94 -39.49 37.83 -62.04
C SER D 94 -40.41 37.65 -60.85
N LEU D 95 -40.07 38.22 -59.69
CA LEU D 95 -40.83 38.12 -58.45
C LEU D 95 -41.58 39.42 -58.17
N PRO D 96 -42.75 39.33 -57.54
CA PRO D 96 -43.48 40.55 -57.15
C PRO D 96 -42.73 41.30 -56.06
N TRP D 97 -42.65 42.62 -56.22
CA TRP D 97 -41.82 43.43 -55.35
C TRP D 97 -42.54 43.79 -54.06
N ARG D 98 -41.80 43.72 -52.95
CA ARG D 98 -42.32 44.07 -51.64
C ARG D 98 -41.15 44.50 -50.78
N ASP D 99 -41.37 45.51 -49.94
CA ASP D 99 -40.33 46.03 -49.07
C ASP D 99 -40.34 45.27 -47.75
N LEU D 100 -39.16 44.87 -47.28
CA LEU D 100 -39.02 44.09 -46.07
C LEU D 100 -38.13 44.78 -45.03
N SER D 101 -37.99 46.09 -45.11
CA SER D 101 -37.19 46.82 -44.13
C SER D 101 -37.93 47.11 -42.85
N GLU D 102 -39.26 46.94 -42.83
CA GLU D 102 -40.06 47.33 -41.67
C GLU D 102 -40.23 46.20 -40.66
N CYS D 103 -40.02 44.95 -41.06
CA CYS D 103 -40.18 43.80 -40.18
C CYS D 103 -38.86 43.02 -40.22
N GLU D 104 -37.92 43.43 -39.36
CA GLU D 104 -36.59 42.84 -39.32
C GLU D 104 -35.99 43.13 -37.96
N GLU D 105 -35.25 42.15 -37.43
CA GLU D 105 -34.60 42.27 -36.15
C GLU D 105 -33.40 43.23 -36.22
N SER D 106 -32.75 43.42 -35.08
CA SER D 106 -31.62 44.34 -34.97
C SER D 106 -30.39 43.84 -35.73
N GLU D 115 -22.87 33.08 -30.08
CA GLU D 115 -22.55 33.18 -31.49
C GLU D 115 -21.16 32.62 -31.76
N GLU D 116 -20.18 33.50 -31.90
CA GLU D 116 -18.79 33.04 -31.91
C GLU D 116 -18.31 32.75 -30.50
N GLN D 117 -18.96 33.36 -29.51
CA GLN D 117 -18.64 33.09 -28.12
C GLN D 117 -19.04 31.67 -27.72
N LEU D 118 -20.16 31.17 -28.26
CA LEU D 118 -20.57 29.79 -28.01
C LEU D 118 -19.61 28.81 -28.67
N LEU D 119 -19.08 29.15 -29.83
CA LEU D 119 -18.09 28.30 -30.48
C LEU D 119 -16.77 28.31 -29.72
N PHE D 120 -16.39 29.47 -29.18
CA PHE D 120 -15.19 29.55 -28.37
C PHE D 120 -15.32 28.78 -27.07
N LEU D 121 -16.44 28.89 -26.37
CA LEU D 121 -16.70 28.07 -25.19
C LEU D 121 -16.79 26.59 -25.50
N TYR D 122 -17.35 26.21 -26.64
CA TYR D 122 -17.46 24.83 -27.06
C TYR D 122 -16.11 24.20 -27.37
N ILE D 123 -15.21 24.94 -28.03
CA ILE D 123 -13.89 24.41 -28.37
C ILE D 123 -13.10 24.06 -27.12
N ILE D 124 -13.20 24.92 -26.10
CA ILE D 124 -12.44 24.73 -24.87
C ILE D 124 -12.93 23.51 -24.11
N TYR D 125 -14.26 23.38 -23.93
CA TYR D 125 -14.73 22.24 -23.14
C TYR D 125 -14.70 20.96 -23.97
N THR D 126 -14.75 21.04 -25.29
CA THR D 126 -14.67 19.82 -26.10
C THR D 126 -13.25 19.27 -26.08
N VAL D 127 -12.27 20.15 -26.22
CA VAL D 127 -10.86 19.77 -26.06
C VAL D 127 -10.61 19.26 -24.64
N GLY D 128 -11.21 19.92 -23.64
CA GLY D 128 -11.02 19.49 -22.27
C GLY D 128 -11.64 18.15 -21.96
N TYR D 129 -12.84 17.90 -22.49
CA TYR D 129 -13.52 16.64 -22.24
C TYR D 129 -12.89 15.51 -23.03
N ALA D 130 -12.32 15.81 -24.20
CA ALA D 130 -11.63 14.76 -24.94
C ALA D 130 -10.30 14.40 -24.29
N LEU D 131 -9.52 15.40 -23.87
CA LEU D 131 -8.28 15.15 -23.15
C LEU D 131 -8.54 14.46 -21.82
N SER D 132 -9.60 14.87 -21.13
CA SER D 132 -9.95 14.25 -19.86
C SER D 132 -10.39 12.82 -20.06
N PHE D 133 -11.27 12.56 -21.02
CA PHE D 133 -11.78 11.22 -21.29
C PHE D 133 -10.67 10.27 -21.73
N SER D 134 -9.69 10.79 -22.49
CA SER D 134 -8.53 9.97 -22.83
C SER D 134 -7.69 9.64 -21.60
N ALA D 135 -7.39 10.66 -20.78
CA ALA D 135 -6.60 10.43 -19.57
C ALA D 135 -7.33 9.55 -18.57
N LEU D 136 -8.67 9.52 -18.64
CA LEU D 136 -9.42 8.78 -17.64
C LEU D 136 -9.67 7.35 -18.07
N VAL D 137 -9.70 7.07 -19.38
CA VAL D 137 -9.69 5.66 -19.75
C VAL D 137 -8.30 5.06 -19.54
N ILE D 138 -7.24 5.88 -19.68
CA ILE D 138 -5.91 5.38 -19.32
C ILE D 138 -5.79 5.18 -17.81
N ALA D 139 -6.38 6.08 -17.02
CA ALA D 139 -6.33 5.97 -15.58
C ALA D 139 -7.18 4.80 -15.07
N SER D 140 -8.29 4.52 -15.75
CA SER D 140 -9.11 3.38 -15.36
C SER D 140 -8.44 2.07 -15.73
N ALA D 141 -7.76 2.04 -16.88
CA ALA D 141 -6.98 0.86 -17.26
C ALA D 141 -5.84 0.61 -16.29
N ILE D 142 -5.26 1.69 -15.75
CA ILE D 142 -4.22 1.53 -14.75
C ILE D 142 -4.78 1.06 -13.42
N LEU D 143 -5.81 1.72 -12.90
CA LEU D 143 -6.37 1.37 -11.59
C LEU D 143 -7.11 0.04 -11.59
N LEU D 144 -7.50 -0.49 -12.74
CA LEU D 144 -8.08 -1.81 -12.82
C LEU D 144 -7.08 -2.89 -13.15
N GLY D 145 -5.90 -2.55 -13.64
CA GLY D 145 -4.97 -3.54 -14.13
C GLY D 145 -3.66 -3.62 -13.37
N PHE D 146 -3.72 -3.56 -12.04
CA PHE D 146 -2.50 -3.77 -11.29
C PHE D 146 -2.65 -4.72 -10.12
N ARG D 147 -3.84 -4.81 -9.53
CA ARG D 147 -4.30 -5.73 -8.48
C ARG D 147 -3.62 -5.51 -7.13
N HIS D 148 -2.64 -4.61 -7.02
CA HIS D 148 -2.15 -4.16 -5.73
C HIS D 148 -2.71 -2.81 -5.35
N LEU D 149 -3.12 -2.02 -6.34
CA LEU D 149 -3.83 -0.78 -6.11
C LEU D 149 -5.30 -1.00 -5.75
N HIS D 150 -5.76 -2.25 -5.76
CA HIS D 150 -7.18 -2.57 -5.63
C HIS D 150 -7.68 -2.44 -4.19
N CYS D 151 -7.59 -1.21 -3.67
CA CYS D 151 -8.15 -0.90 -2.37
C CYS D 151 -9.49 -0.20 -2.57
N THR D 152 -10.20 0.06 -1.47
CA THR D 152 -11.50 0.71 -1.58
C THR D 152 -11.38 2.18 -1.95
N ARG D 153 -10.24 2.81 -1.64
CA ARG D 153 -10.00 4.18 -2.09
C ARG D 153 -9.92 4.24 -3.60
N ASN D 154 -9.28 3.24 -4.21
CA ASN D 154 -9.20 3.22 -5.67
C ASN D 154 -10.48 2.72 -6.30
N TYR D 155 -11.36 2.04 -5.56
CA TYR D 155 -12.67 1.74 -6.11
C TYR D 155 -13.55 2.98 -6.13
N ILE D 156 -13.43 3.83 -5.10
CA ILE D 156 -14.09 5.12 -5.13
C ILE D 156 -13.48 6.06 -6.15
N HIS D 157 -12.17 5.93 -6.42
CA HIS D 157 -11.53 6.62 -7.53
C HIS D 157 -12.01 6.12 -8.88
N LEU D 158 -12.19 4.81 -9.03
CA LEU D 158 -12.59 4.25 -10.32
C LEU D 158 -14.02 4.60 -10.64
N ASN D 159 -14.89 4.64 -9.64
CA ASN D 159 -16.26 5.07 -9.92
C ASN D 159 -16.32 6.56 -10.18
N LEU D 160 -15.41 7.32 -9.58
CA LEU D 160 -15.29 8.74 -9.90
C LEU D 160 -14.82 8.93 -11.34
N PHE D 161 -13.86 8.13 -11.78
CA PHE D 161 -13.33 8.23 -13.14
C PHE D 161 -14.37 7.76 -14.15
N ALA D 162 -15.18 6.78 -13.78
CA ALA D 162 -16.26 6.33 -14.64
C ALA D 162 -17.38 7.37 -14.72
N SER D 163 -17.63 8.09 -13.62
CA SER D 163 -18.59 9.18 -13.67
C SER D 163 -18.08 10.31 -14.56
N PHE D 164 -16.78 10.57 -14.52
CA PHE D 164 -16.18 11.56 -15.42
C PHE D 164 -16.26 11.13 -16.88
N ILE D 165 -16.04 9.85 -17.16
CA ILE D 165 -16.10 9.35 -18.52
C ILE D 165 -17.53 9.35 -19.04
N LEU D 166 -18.51 9.00 -18.19
CA LEU D 166 -19.91 9.14 -18.55
C LEU D 166 -20.30 10.58 -18.78
N ARG D 167 -19.73 11.51 -18.00
CA ARG D 167 -19.98 12.93 -18.22
C ARG D 167 -19.44 13.38 -19.57
N ALA D 168 -18.23 12.94 -19.93
CA ALA D 168 -17.64 13.31 -21.21
C ALA D 168 -18.40 12.71 -22.39
N LEU D 169 -18.81 11.44 -22.26
CA LEU D 169 -19.64 10.80 -23.28
C LEU D 169 -20.98 11.50 -23.45
N SER D 170 -21.63 11.82 -22.34
CA SER D 170 -22.94 12.46 -22.42
C SER D 170 -22.82 13.86 -22.99
N VAL D 171 -21.70 14.55 -22.73
CA VAL D 171 -21.46 15.86 -23.31
C VAL D 171 -21.23 15.77 -24.81
N PHE D 172 -20.53 14.72 -25.27
CA PHE D 172 -20.34 14.54 -26.71
C PHE D 172 -21.66 14.21 -27.41
N ILE D 173 -22.44 13.28 -26.83
CA ILE D 173 -23.70 12.86 -27.43
C ILE D 173 -24.72 14.00 -27.40
N LYS D 174 -24.62 14.86 -26.39
CA LYS D 174 -25.50 16.02 -26.30
C LYS D 174 -25.22 17.02 -27.41
N ASP D 175 -23.94 17.28 -27.69
CA ASP D 175 -23.58 18.22 -28.75
C ASP D 175 -23.89 17.64 -30.11
N ALA D 176 -23.73 16.32 -30.27
CA ALA D 176 -24.13 15.67 -31.51
C ALA D 176 -25.63 15.77 -31.72
N ALA D 177 -26.42 15.65 -30.64
CA ALA D 177 -27.87 15.75 -30.76
C ALA D 177 -28.30 17.18 -31.04
N LEU D 178 -27.57 18.16 -30.53
CA LEU D 178 -27.85 19.54 -30.88
C LEU D 178 -27.48 19.83 -32.33
N LYS D 179 -26.48 19.13 -32.86
CA LYS D 179 -26.19 19.22 -34.28
C LYS D 179 -27.28 18.56 -35.11
N TRP D 180 -27.92 17.53 -34.57
CA TRP D 180 -28.98 16.84 -35.29
C TRP D 180 -30.36 17.44 -35.06
N MET D 181 -30.53 18.29 -34.05
CA MET D 181 -31.83 18.89 -33.80
C MET D 181 -32.11 20.04 -34.74
N TYR D 182 -31.09 20.80 -35.13
CA TYR D 182 -31.26 21.97 -35.96
C TYR D 182 -30.38 21.93 -37.19
N SER D 183 -30.16 20.74 -37.73
CA SER D 183 -29.52 20.61 -39.02
C SER D 183 -30.50 21.02 -40.10
N THR D 184 -29.98 21.33 -41.29
CA THR D 184 -30.80 21.78 -42.40
C THR D 184 -31.75 20.69 -42.88
N ALA D 185 -31.33 19.43 -42.75
CA ALA D 185 -32.25 18.32 -43.04
C ALA D 185 -33.31 18.20 -41.95
N ALA D 186 -32.96 18.54 -40.72
CA ALA D 186 -33.93 18.50 -39.63
C ALA D 186 -34.86 19.69 -39.68
N GLN D 187 -34.35 20.85 -40.10
CA GLN D 187 -35.19 22.02 -40.27
C GLN D 187 -36.09 21.87 -41.49
N GLN D 188 -35.64 21.15 -42.51
CA GLN D 188 -36.45 20.93 -43.69
C GLN D 188 -37.64 20.05 -43.39
N HIS D 189 -37.46 19.04 -42.53
CA HIS D 189 -38.58 18.20 -42.14
C HIS D 189 -39.50 18.92 -41.16
N GLN D 190 -38.96 19.88 -40.42
CA GLN D 190 -39.75 20.53 -39.39
C GLN D 190 -40.65 21.63 -39.96
N TRP D 191 -40.22 22.33 -41.00
CA TRP D 191 -41.13 23.28 -41.63
C TRP D 191 -41.85 22.70 -42.83
N ASP D 192 -41.65 21.41 -43.13
CA ASP D 192 -42.62 20.70 -43.96
C ASP D 192 -43.80 20.25 -43.12
N GLY D 193 -43.62 20.19 -41.80
CA GLY D 193 -44.73 20.06 -40.88
C GLY D 193 -44.62 18.97 -39.84
N LEU D 194 -44.10 17.80 -40.19
CA LEU D 194 -44.17 16.65 -39.29
C LEU D 194 -42.85 15.90 -39.31
N LEU D 195 -42.71 14.99 -38.32
CA LEU D 195 -41.70 13.93 -38.27
C LEU D 195 -40.27 14.48 -38.29
N SER D 196 -39.95 15.19 -37.21
CA SER D 196 -38.58 15.66 -36.99
C SER D 196 -37.89 14.78 -35.95
N TYR D 197 -36.56 14.96 -35.84
CA TYR D 197 -35.81 14.33 -34.76
C TYR D 197 -36.18 14.92 -33.41
N GLN D 198 -36.57 16.21 -33.40
CA GLN D 198 -36.93 16.92 -32.18
C GLN D 198 -38.16 16.32 -31.50
N ASP D 199 -38.98 15.58 -32.25
CA ASP D 199 -40.12 14.87 -31.69
C ASP D 199 -39.69 13.55 -31.07
N SER D 200 -38.62 12.94 -31.60
CA SER D 200 -38.27 11.56 -31.25
C SER D 200 -37.74 11.46 -29.83
N LEU D 201 -38.06 10.35 -29.17
CA LEU D 201 -37.77 10.18 -27.75
C LEU D 201 -36.30 9.87 -27.49
N SER D 202 -35.52 9.55 -28.53
CA SER D 202 -34.09 9.39 -28.33
C SER D 202 -33.42 10.73 -28.05
N CYS D 203 -33.97 11.82 -28.59
CA CYS D 203 -33.54 13.16 -28.22
C CYS D 203 -33.75 13.42 -26.73
N ARG D 204 -34.95 13.10 -26.25
CA ARG D 204 -35.25 13.27 -24.83
C ARG D 204 -34.36 12.38 -23.97
N LEU D 205 -34.00 11.21 -24.47
CA LEU D 205 -33.19 10.30 -23.65
C LEU D 205 -31.74 10.72 -23.61
N VAL D 206 -31.21 11.32 -24.68
CA VAL D 206 -29.83 11.80 -24.57
C VAL D 206 -29.76 13.08 -23.74
N PHE D 207 -30.83 13.88 -23.75
CA PHE D 207 -30.81 15.04 -22.88
C PHE D 207 -31.19 14.70 -21.44
N LEU D 208 -31.71 13.51 -21.18
CA LEU D 208 -31.85 12.98 -19.83
C LEU D 208 -30.58 12.28 -19.37
N LEU D 209 -29.85 11.63 -20.26
CA LEU D 209 -28.56 11.05 -19.95
C LEU D 209 -27.52 12.10 -19.61
N MET D 210 -27.56 13.26 -20.27
CA MET D 210 -26.59 14.31 -19.96
C MET D 210 -26.73 14.81 -18.53
N GLN D 211 -27.96 14.99 -18.05
CA GLN D 211 -28.17 15.48 -16.70
C GLN D 211 -27.80 14.44 -15.66
N TYR D 212 -28.06 13.16 -15.96
CA TYR D 212 -27.69 12.10 -15.03
C TYR D 212 -26.19 11.95 -14.95
N CYS D 213 -25.49 12.07 -16.07
CA CYS D 213 -24.04 11.90 -16.02
C CYS D 213 -23.36 13.09 -15.35
N VAL D 214 -23.92 14.30 -15.51
CA VAL D 214 -23.43 15.45 -14.77
C VAL D 214 -23.66 15.27 -13.28
N ALA D 215 -24.87 14.86 -12.89
CA ALA D 215 -25.20 14.71 -11.47
C ALA D 215 -24.41 13.56 -10.83
N ALA D 216 -24.15 12.52 -11.59
CA ALA D 216 -23.34 11.42 -11.08
C ALA D 216 -21.88 11.85 -10.94
N ASN D 217 -21.40 12.75 -11.79
CA ASN D 217 -20.05 13.26 -11.60
C ASN D 217 -19.95 14.11 -10.34
N TYR D 218 -20.91 14.99 -10.10
CA TYR D 218 -20.89 15.80 -8.89
C TYR D 218 -21.07 14.96 -7.63
N TYR D 219 -21.87 13.90 -7.69
CA TYR D 219 -22.05 13.09 -6.50
C TYR D 219 -20.94 12.07 -6.31
N TRP D 220 -20.16 11.74 -7.32
CA TRP D 220 -18.96 10.98 -7.03
C TRP D 220 -17.81 11.84 -6.54
N LEU D 221 -17.76 13.12 -6.90
CA LEU D 221 -16.90 14.03 -6.18
C LEU D 221 -17.31 14.19 -4.71
N LEU D 222 -18.63 14.24 -4.46
CA LEU D 222 -19.12 14.27 -3.08
C LEU D 222 -18.76 12.99 -2.33
N VAL D 223 -18.85 11.84 -2.98
CA VAL D 223 -18.49 10.59 -2.32
C VAL D 223 -17.00 10.51 -2.04
N GLU D 224 -16.18 11.06 -2.94
CA GLU D 224 -14.74 11.17 -2.67
C GLU D 224 -14.45 12.04 -1.44
N GLY D 225 -15.15 13.16 -1.33
CA GLY D 225 -14.95 14.03 -0.17
C GLY D 225 -15.46 13.41 1.13
N VAL D 226 -16.62 12.78 1.08
CA VAL D 226 -17.19 12.13 2.26
C VAL D 226 -16.33 10.96 2.70
N TYR D 227 -15.75 10.23 1.75
CA TYR D 227 -14.88 9.13 2.07
C TYR D 227 -13.59 9.60 2.71
N LEU D 228 -13.01 10.69 2.18
CA LEU D 228 -11.80 11.24 2.79
C LEU D 228 -12.07 11.80 4.18
N TYR D 229 -13.25 12.37 4.40
CA TYR D 229 -13.60 12.89 5.71
C TYR D 229 -13.84 11.77 6.72
N THR D 230 -14.41 10.65 6.28
CA THR D 230 -14.60 9.54 7.21
C THR D 230 -13.29 8.82 7.47
N LEU D 231 -12.36 8.84 6.52
CA LEU D 231 -11.03 8.30 6.76
C LEU D 231 -10.29 9.13 7.80
N LEU D 232 -10.31 10.45 7.65
CA LEU D 232 -9.61 11.27 8.62
C LEU D 232 -10.36 11.36 9.94
N ALA D 233 -11.56 11.94 9.93
CA ALA D 233 -12.17 12.35 11.18
C ALA D 233 -12.89 11.20 11.86
N PHE D 234 -13.50 10.30 11.10
CA PHE D 234 -14.33 9.26 11.67
C PHE D 234 -13.54 7.97 11.85
N SER D 235 -14.21 6.98 12.41
CA SER D 235 -13.56 5.72 12.74
C SER D 235 -13.55 4.80 11.53
N VAL D 236 -12.97 3.62 11.72
CA VAL D 236 -12.98 2.62 10.67
C VAL D 236 -14.37 2.00 10.59
N LEU D 237 -14.90 1.93 9.37
CA LEU D 237 -16.20 1.33 9.12
C LEU D 237 -16.00 0.10 8.27
N SER D 238 -17.08 -0.68 8.14
CA SER D 238 -17.03 -1.88 7.32
C SER D 238 -16.96 -1.50 5.85
N GLU D 239 -15.99 -2.07 5.15
CA GLU D 239 -15.60 -1.61 3.81
C GLU D 239 -16.68 -1.93 2.79
N GLN D 240 -17.37 -3.06 2.94
CA GLN D 240 -18.38 -3.43 1.95
C GLN D 240 -19.68 -2.67 2.17
N TRP D 241 -20.05 -2.44 3.43
CA TRP D 241 -21.24 -1.65 3.68
C TRP D 241 -21.03 -0.19 3.28
N ILE D 242 -19.83 0.34 3.51
CA ILE D 242 -19.56 1.72 3.12
C ILE D 242 -19.42 1.84 1.60
N PHE D 243 -19.00 0.76 0.92
CA PHE D 243 -18.92 0.85 -0.53
C PHE D 243 -20.27 0.65 -1.19
N ARG D 244 -21.13 -0.17 -0.59
CA ARG D 244 -22.49 -0.31 -1.09
C ARG D 244 -23.29 0.95 -0.81
N LEU D 245 -22.92 1.69 0.24
CA LEU D 245 -23.55 2.97 0.48
C LEU D 245 -23.03 4.03 -0.49
N TYR D 246 -21.76 3.92 -0.88
CA TYR D 246 -21.16 4.97 -1.71
C TYR D 246 -21.61 4.86 -3.15
N VAL D 247 -21.73 3.64 -3.67
CA VAL D 247 -22.31 3.44 -5.00
C VAL D 247 -23.78 3.83 -5.02
N SER D 248 -24.50 3.65 -3.91
CA SER D 248 -25.90 4.05 -3.86
C SER D 248 -26.06 5.57 -3.80
N ILE D 249 -25.11 6.26 -3.18
CA ILE D 249 -25.15 7.72 -3.17
C ILE D 249 -24.69 8.27 -4.53
N GLY D 250 -23.60 7.72 -5.06
CA GLY D 250 -23.03 8.26 -6.28
C GLY D 250 -23.82 7.98 -7.54
N TRP D 251 -24.50 6.85 -7.60
CA TRP D 251 -25.24 6.49 -8.81
C TRP D 251 -26.74 6.49 -8.61
N GLY D 252 -27.21 6.40 -7.36
CA GLY D 252 -28.64 6.26 -7.15
C GLY D 252 -29.32 7.56 -6.78
N VAL D 253 -28.66 8.38 -5.96
CA VAL D 253 -29.20 9.72 -5.66
C VAL D 253 -29.29 10.60 -6.90
N PRO D 254 -28.32 10.60 -7.85
CA PRO D 254 -28.59 11.25 -9.14
C PRO D 254 -29.84 10.76 -9.85
N LEU D 255 -30.18 9.47 -9.79
CA LEU D 255 -31.48 9.05 -10.28
C LEU D 255 -32.60 9.66 -9.47
N LEU D 256 -32.39 9.83 -8.17
CA LEU D 256 -33.44 10.29 -7.27
C LEU D 256 -33.81 11.75 -7.52
N PHE D 257 -32.92 12.52 -8.14
CA PHE D 257 -33.35 13.88 -8.52
C PHE D 257 -33.24 14.13 -10.04
N VAL D 258 -32.88 13.12 -10.83
CA VAL D 258 -32.97 13.23 -12.28
C VAL D 258 -34.32 12.75 -12.78
N VAL D 259 -34.82 11.66 -12.19
CA VAL D 259 -36.14 11.14 -12.55
C VAL D 259 -37.27 12.13 -12.26
N PRO D 260 -37.26 12.92 -11.17
CA PRO D 260 -38.20 14.05 -11.09
C PRO D 260 -38.01 15.10 -12.18
N TRP D 261 -36.77 15.43 -12.54
CA TRP D 261 -36.52 16.35 -13.63
C TRP D 261 -37.01 15.77 -14.95
N GLY D 262 -36.84 14.46 -15.13
CA GLY D 262 -37.30 13.82 -16.35
C GLY D 262 -38.80 13.84 -16.48
N ILE D 263 -39.52 13.49 -15.40
CA ILE D 263 -40.96 13.41 -15.50
C ILE D 263 -41.58 14.82 -15.54
N VAL D 264 -40.96 15.79 -14.86
CA VAL D 264 -41.51 17.13 -14.86
C VAL D 264 -41.26 17.81 -16.20
N LYS D 265 -40.05 17.66 -16.74
CA LYS D 265 -39.74 18.19 -18.06
C LYS D 265 -40.51 17.43 -19.15
N TYR D 266 -40.93 16.20 -18.85
CA TYR D 266 -41.73 15.46 -19.81
C TYR D 266 -43.15 15.96 -19.87
N LEU D 267 -43.83 16.05 -18.72
CA LEU D 267 -45.26 16.31 -18.76
C LEU D 267 -45.59 17.80 -18.63
N TYR D 268 -44.88 18.54 -17.78
CA TYR D 268 -45.25 19.93 -17.57
C TYR D 268 -44.75 20.82 -18.71
N GLU D 269 -43.44 20.93 -18.89
CA GLU D 269 -42.86 21.84 -19.89
C GLU D 269 -41.96 21.04 -20.82
N ASP D 270 -42.50 20.68 -21.98
CA ASP D 270 -41.79 19.89 -22.98
C ASP D 270 -41.51 20.70 -24.24
N GLU D 271 -41.11 21.96 -24.07
CA GLU D 271 -40.78 22.81 -25.20
C GLU D 271 -39.50 22.33 -25.87
N GLY D 272 -39.62 21.88 -27.11
CA GLY D 272 -38.49 21.29 -27.81
C GLY D 272 -38.13 19.97 -27.17
N CYS D 273 -36.87 19.58 -27.34
CA CYS D 273 -36.34 18.54 -26.47
C CYS D 273 -35.99 19.19 -25.14
N TRP D 274 -35.52 18.37 -24.20
CA TRP D 274 -35.28 18.86 -22.84
C TRP D 274 -33.91 19.54 -22.75
N THR D 275 -33.70 20.51 -23.63
CA THR D 275 -32.40 21.09 -23.88
C THR D 275 -32.31 22.53 -23.43
N ARG D 276 -33.34 23.34 -23.67
CA ARG D 276 -33.36 24.69 -23.14
C ARG D 276 -34.24 24.73 -21.90
N ASN D 277 -33.93 25.64 -20.99
CA ASN D 277 -34.57 25.68 -19.68
C ASN D 277 -35.47 26.91 -19.63
N SER D 278 -36.76 26.70 -19.93
CA SER D 278 -37.72 27.79 -19.89
C SER D 278 -38.09 28.14 -18.46
N ASN D 279 -38.68 27.20 -17.73
CA ASN D 279 -38.99 27.42 -16.32
C ASN D 279 -37.76 27.14 -15.48
N MET D 280 -37.35 28.13 -14.70
CA MET D 280 -36.10 27.99 -13.97
C MET D 280 -36.25 27.26 -12.64
N ASN D 281 -37.49 27.04 -12.17
CA ASN D 281 -37.68 26.21 -11.00
C ASN D 281 -37.49 24.73 -11.35
N TYR D 282 -37.90 24.36 -12.57
CA TYR D 282 -37.72 22.98 -13.00
C TYR D 282 -36.26 22.69 -13.26
N TRP D 283 -35.46 23.71 -13.52
CA TRP D 283 -34.04 23.47 -13.59
C TRP D 283 -33.39 23.67 -12.23
N LEU D 284 -34.13 24.29 -11.31
CA LEU D 284 -33.65 24.38 -9.94
C LEU D 284 -33.71 23.03 -9.24
N ILE D 285 -34.64 22.16 -9.64
CA ILE D 285 -34.67 20.84 -9.00
C ILE D 285 -33.52 19.94 -9.43
N ILE D 286 -32.79 20.32 -10.46
CA ILE D 286 -31.55 19.64 -10.82
C ILE D 286 -30.32 20.46 -10.42
N ARG D 287 -30.47 21.76 -10.15
CA ARG D 287 -29.36 22.58 -9.70
C ARG D 287 -29.12 22.48 -8.20
N LEU D 288 -30.18 22.50 -7.39
CA LEU D 288 -30.01 22.49 -5.94
C LEU D 288 -29.43 21.22 -5.35
N PRO D 289 -29.69 20.00 -5.87
CA PRO D 289 -28.86 18.87 -5.42
C PRO D 289 -27.41 18.95 -5.87
N ILE D 290 -27.14 19.55 -7.02
CA ILE D 290 -25.76 19.74 -7.45
C ILE D 290 -25.09 20.81 -6.59
N LEU D 291 -25.84 21.85 -6.23
CA LEU D 291 -25.34 22.85 -5.27
C LEU D 291 -25.13 22.24 -3.89
N PHE D 292 -25.93 21.24 -3.53
CA PHE D 292 -25.71 20.55 -2.27
C PHE D 292 -24.46 19.69 -2.28
N ALA D 293 -24.15 18.99 -3.37
CA ALA D 293 -22.87 18.30 -3.46
C ALA D 293 -21.70 19.27 -3.43
N ILE D 294 -21.85 20.44 -4.07
CA ILE D 294 -20.80 21.46 -4.07
C ILE D 294 -20.55 22.01 -2.67
N GLY D 295 -21.62 22.26 -1.91
CA GLY D 295 -21.47 22.85 -0.59
C GLY D 295 -20.84 21.90 0.40
N VAL D 296 -21.23 20.62 0.36
CA VAL D 296 -20.65 19.64 1.27
C VAL D 296 -19.20 19.36 0.89
N ASN D 297 -18.87 19.41 -0.40
CA ASN D 297 -17.47 19.28 -0.77
C ASN D 297 -16.65 20.48 -0.35
N PHE D 298 -17.24 21.67 -0.27
CA PHE D 298 -16.47 22.80 0.23
C PHE D 298 -16.25 22.74 1.73
N LEU D 299 -17.25 22.27 2.49
CA LEU D 299 -17.06 22.03 3.92
C LEU D 299 -15.99 20.98 4.17
N ILE D 300 -16.00 19.90 3.39
CA ILE D 300 -15.00 18.86 3.53
C ILE D 300 -13.64 19.38 3.10
N PHE D 301 -13.59 20.27 2.11
CA PHE D 301 -12.33 20.84 1.68
C PHE D 301 -11.68 21.68 2.78
N VAL D 302 -12.47 22.56 3.41
CA VAL D 302 -11.88 23.42 4.41
C VAL D 302 -11.54 22.63 5.68
N ARG D 303 -12.28 21.57 5.97
CA ARG D 303 -11.96 20.77 7.15
C ARG D 303 -10.71 19.91 6.93
N VAL D 304 -10.56 19.34 5.75
CA VAL D 304 -9.36 18.55 5.46
C VAL D 304 -8.13 19.46 5.34
N ILE D 305 -8.31 20.68 4.86
CA ILE D 305 -7.16 21.58 4.77
C ILE D 305 -6.78 22.12 6.15
N CYS D 306 -7.75 22.26 7.07
CA CYS D 306 -7.40 22.52 8.46
C CYS D 306 -6.67 21.34 9.09
N ILE D 307 -7.06 20.11 8.76
CA ILE D 307 -6.34 18.93 9.25
C ILE D 307 -4.91 18.89 8.73
N VAL D 308 -4.69 19.25 7.47
CA VAL D 308 -3.34 19.33 6.90
C VAL D 308 -2.50 20.46 7.51
N VAL D 309 -3.08 21.63 7.75
CA VAL D 309 -2.31 22.72 8.33
C VAL D 309 -2.09 22.50 9.83
N SER D 310 -2.88 21.63 10.46
CA SER D 310 -2.55 21.24 11.83
C SER D 310 -1.49 20.14 11.84
N LYS D 311 -1.45 19.32 10.79
CA LYS D 311 -0.43 18.28 10.70
C LYS D 311 0.90 18.86 10.26
N LEU D 312 0.87 19.98 9.54
CA LEU D 312 2.11 20.56 9.04
C LEU D 312 2.77 21.46 10.09
N LYS D 313 2.01 21.89 11.09
CA LYS D 313 2.58 22.69 12.16
C LYS D 313 3.32 21.83 13.18
N ALA D 314 3.16 20.52 13.11
CA ALA D 314 3.87 19.62 14.01
C ALA D 314 5.14 19.08 13.34
N ASP D 321 9.34 25.26 3.30
CA ASP D 321 8.42 26.01 4.15
C ASP D 321 7.11 25.26 4.31
N ILE D 322 6.36 25.65 5.35
CA ILE D 322 5.01 25.13 5.55
C ILE D 322 4.08 25.58 4.43
N LYS D 323 4.31 26.79 3.91
CA LYS D 323 3.37 27.41 2.98
C LYS D 323 3.45 26.78 1.60
N CYS D 324 4.61 26.22 1.25
CA CYS D 324 4.78 25.66 -0.09
C CYS D 324 4.30 24.22 -0.16
N ARG D 325 4.33 23.50 0.97
CA ARG D 325 3.77 22.16 1.01
C ARG D 325 2.25 22.22 1.14
N LEU D 326 1.75 23.18 1.93
CA LEU D 326 0.32 23.38 2.06
C LEU D 326 -0.31 23.82 0.74
N ALA D 327 0.41 24.62 -0.05
CA ALA D 327 -0.11 25.04 -1.34
C ALA D 327 -0.19 23.88 -2.31
N LYS D 328 0.82 22.99 -2.29
CA LYS D 328 0.79 21.80 -3.14
C LYS D 328 -0.33 20.85 -2.73
N SER D 329 -0.55 20.69 -1.42
CA SER D 329 -1.63 19.83 -0.95
C SER D 329 -3.00 20.42 -1.29
N THR D 330 -3.14 21.74 -1.21
CA THR D 330 -4.40 22.38 -1.58
C THR D 330 -4.67 22.28 -3.07
N LEU D 331 -3.63 22.45 -3.90
CA LEU D 331 -3.82 22.36 -5.34
C LEU D 331 -3.97 20.91 -5.78
N THR D 332 -3.57 19.96 -4.95
CA THR D 332 -3.90 18.55 -5.18
C THR D 332 -5.33 18.23 -4.77
N LEU D 333 -5.83 18.80 -3.68
CA LEU D 333 -7.16 18.53 -3.19
C LEU D 333 -8.26 19.24 -3.97
N ILE D 334 -7.93 20.36 -4.64
CA ILE D 334 -8.95 21.11 -5.37
C ILE D 334 -9.61 20.33 -6.51
N PRO D 335 -8.88 19.60 -7.38
CA PRO D 335 -9.60 18.82 -8.40
C PRO D 335 -10.39 17.63 -7.88
N LEU D 336 -9.95 16.99 -6.80
CA LEU D 336 -10.57 15.74 -6.35
C LEU D 336 -11.97 15.98 -5.82
N LEU D 337 -12.19 17.10 -5.16
CA LEU D 337 -13.51 17.37 -4.58
C LEU D 337 -14.33 18.30 -5.45
N GLY D 338 -13.74 18.91 -6.47
CA GLY D 338 -14.49 19.84 -7.29
C GLY D 338 -14.77 21.15 -6.60
N THR D 339 -13.81 21.67 -5.85
CA THR D 339 -14.00 22.92 -5.13
C THR D 339 -13.74 24.14 -6.00
N HIS D 340 -13.34 23.94 -7.25
CA HIS D 340 -13.23 25.04 -8.20
C HIS D 340 -14.59 25.46 -8.76
N GLU D 341 -15.66 24.75 -8.39
CA GLU D 341 -17.01 25.14 -8.77
C GLU D 341 -17.63 26.10 -7.78
N VAL D 342 -17.09 26.19 -6.57
CA VAL D 342 -17.69 26.89 -5.44
C VAL D 342 -17.60 28.40 -5.66
N ILE D 343 -16.59 28.83 -6.43
CA ILE D 343 -16.35 30.25 -6.65
C ILE D 343 -17.43 30.84 -7.54
N PHE D 344 -18.07 30.00 -8.36
CA PHE D 344 -19.10 30.48 -9.26
C PHE D 344 -20.40 29.66 -9.19
N ALA D 345 -20.58 28.87 -8.13
CA ALA D 345 -21.83 28.11 -7.99
C ALA D 345 -22.97 29.00 -7.51
N PHE D 346 -22.65 30.00 -6.70
CA PHE D 346 -23.66 30.89 -6.17
C PHE D 346 -24.00 32.04 -7.11
N VAL D 347 -23.38 32.06 -8.30
CA VAL D 347 -23.65 33.13 -9.27
C VAL D 347 -25.04 32.97 -9.86
N MET D 348 -25.54 31.73 -9.98
CA MET D 348 -26.95 31.42 -10.20
C MET D 348 -27.51 32.01 -11.48
N ASP D 349 -27.19 31.40 -12.63
CA ASP D 349 -27.29 31.94 -13.99
C ASP D 349 -28.64 32.54 -14.38
N GLU D 350 -29.69 32.38 -13.56
CA GLU D 350 -30.82 33.30 -13.61
C GLU D 350 -30.35 34.74 -13.45
N HIS D 351 -29.41 34.99 -12.56
CA HIS D 351 -28.96 36.34 -12.23
C HIS D 351 -27.61 36.69 -12.85
N ALA D 352 -27.07 35.84 -13.73
CA ALA D 352 -25.72 36.09 -14.23
C ALA D 352 -25.69 36.79 -15.58
N ARG D 353 -26.85 37.15 -16.14
CA ARG D 353 -26.94 37.53 -17.55
C ARG D 353 -26.18 38.81 -17.86
N GLY D 354 -25.39 38.76 -18.91
CA GLY D 354 -24.51 39.84 -19.31
C GLY D 354 -23.12 39.31 -19.59
N THR D 355 -22.13 40.15 -19.29
CA THR D 355 -20.73 39.82 -19.53
C THR D 355 -20.15 38.94 -18.43
N LEU D 356 -20.90 38.72 -17.36
CA LEU D 356 -20.57 37.72 -16.36
C LEU D 356 -20.95 36.32 -16.80
N ARG D 357 -22.08 36.18 -17.49
CA ARG D 357 -22.58 34.88 -17.94
C ARG D 357 -21.63 34.21 -18.91
N PHE D 358 -20.85 34.99 -19.65
CA PHE D 358 -19.76 34.38 -20.39
C PHE D 358 -18.71 33.82 -19.46
N ILE D 359 -18.12 34.68 -18.61
CA ILE D 359 -16.92 34.30 -17.88
C ILE D 359 -17.25 33.21 -16.86
N LYS D 360 -18.47 33.24 -16.31
CA LYS D 360 -18.98 32.18 -15.46
C LYS D 360 -18.92 30.85 -16.17
N LEU D 361 -19.52 30.79 -17.37
CA LEU D 361 -19.48 29.60 -18.21
C LEU D 361 -18.05 29.15 -18.47
N PHE D 362 -17.17 30.13 -18.73
CA PHE D 362 -15.75 29.83 -18.91
C PHE D 362 -15.19 29.15 -17.67
N THR D 363 -15.31 29.81 -16.51
CA THR D 363 -14.72 29.22 -15.31
C THR D 363 -15.62 28.14 -14.74
N GLU D 364 -16.78 27.87 -15.35
CA GLU D 364 -17.39 26.59 -15.10
C GLU D 364 -16.82 25.55 -16.05
N LEU D 365 -17.05 25.75 -17.35
CA LEU D 365 -17.07 24.63 -18.30
C LEU D 365 -15.69 24.03 -18.47
N SER D 366 -14.75 24.88 -18.89
CA SER D 366 -13.33 24.56 -18.98
C SER D 366 -12.83 23.86 -17.74
N PHE D 367 -13.15 24.41 -16.56
CA PHE D 367 -12.68 23.86 -15.30
C PHE D 367 -13.15 22.43 -15.13
N THR D 368 -14.46 22.20 -15.34
CA THR D 368 -15.01 20.86 -15.17
C THR D 368 -14.43 19.90 -16.19
N SER D 369 -14.21 20.39 -17.41
CA SER D 369 -13.62 19.57 -18.44
C SER D 369 -12.22 19.17 -18.06
N PHE D 370 -11.42 20.16 -17.67
CA PHE D 370 -10.04 19.84 -17.35
C PHE D 370 -9.93 19.24 -15.97
N GLN D 371 -11.04 19.24 -15.22
CA GLN D 371 -11.07 18.53 -13.95
C GLN D 371 -10.84 17.06 -14.16
N GLY D 372 -11.42 16.50 -15.23
CA GLY D 372 -11.19 15.10 -15.52
C GLY D 372 -9.76 14.81 -15.91
N LEU D 373 -9.08 15.82 -16.47
CA LEU D 373 -7.65 15.70 -16.67
C LEU D 373 -6.91 15.79 -15.34
N MET D 374 -7.30 16.74 -14.49
CA MET D 374 -6.53 17.04 -13.30
C MET D 374 -6.62 15.92 -12.27
N VAL D 375 -7.77 15.26 -12.16
CA VAL D 375 -7.84 14.12 -11.25
C VAL D 375 -7.24 12.87 -11.86
N ALA D 376 -6.92 12.87 -13.15
CA ALA D 376 -6.24 11.72 -13.71
C ALA D 376 -4.73 11.87 -13.66
N ILE D 377 -4.22 13.08 -13.79
CA ILE D 377 -2.80 13.32 -13.57
C ILE D 377 -2.46 13.16 -12.10
N LEU D 378 -3.22 13.83 -11.23
CA LEU D 378 -2.86 13.90 -9.82
C LEU D 378 -3.11 12.62 -9.07
N TYR D 379 -4.21 11.94 -9.36
CA TYR D 379 -4.62 10.79 -8.57
C TYR D 379 -4.42 9.47 -9.30
N CYS D 380 -3.91 9.51 -10.53
CA CYS D 380 -3.34 8.31 -11.13
C CYS D 380 -1.88 8.51 -11.52
N PHE D 381 -1.54 9.50 -12.35
CA PHE D 381 -0.25 9.41 -13.04
C PHE D 381 0.91 9.86 -12.15
N VAL D 382 0.76 10.96 -11.42
CA VAL D 382 1.83 11.41 -10.53
C VAL D 382 1.60 10.87 -9.14
N ASN D 383 0.59 10.01 -8.99
CA ASN D 383 0.39 9.28 -7.75
C ASN D 383 1.56 8.34 -7.49
N ASN D 384 2.02 8.30 -6.24
CA ASN D 384 3.28 7.62 -5.94
C ASN D 384 3.11 6.11 -5.94
N GLU D 385 1.93 5.63 -5.56
CA GLU D 385 1.68 4.19 -5.58
C GLU D 385 1.59 3.67 -7.01
N VAL D 386 1.01 4.46 -7.92
CA VAL D 386 0.90 4.03 -9.31
C VAL D 386 2.26 4.09 -10.00
N GLN D 387 3.04 5.13 -9.71
CA GLN D 387 4.42 5.21 -10.21
C GLN D 387 5.25 4.08 -9.64
N LEU D 388 4.95 3.66 -8.41
CA LEU D 388 5.62 2.52 -7.80
C LEU D 388 5.27 1.23 -8.54
N GLU D 389 4.00 1.07 -8.91
CA GLU D 389 3.59 -0.11 -9.65
C GLU D 389 4.19 -0.15 -11.04
N PHE D 390 4.34 1.02 -11.67
CA PHE D 390 4.99 1.07 -12.98
C PHE D 390 6.48 0.75 -12.88
N ARG D 391 7.12 1.23 -11.81
CA ARG D 391 8.53 0.93 -11.59
C ARG D 391 8.74 -0.56 -11.34
N LYS D 392 7.86 -1.19 -10.54
CA LYS D 392 8.02 -2.61 -10.28
C LYS D 392 7.64 -3.45 -11.48
N SER D 393 6.69 -2.99 -12.30
CA SER D 393 6.33 -3.74 -13.50
C SER D 393 7.44 -3.68 -14.54
N TRP D 394 8.07 -2.51 -14.71
CA TRP D 394 9.18 -2.43 -15.64
C TRP D 394 10.42 -3.13 -15.08
N GLU D 395 10.54 -3.21 -13.75
CA GLU D 395 11.69 -3.91 -13.18
C GLU D 395 11.54 -5.41 -13.33
N ARG D 396 10.33 -5.94 -13.14
CA ARG D 396 10.14 -7.37 -13.31
C ARG D 396 9.88 -7.73 -14.76
N TRP D 397 9.84 -6.74 -15.65
CA TRP D 397 10.00 -7.04 -17.07
C TRP D 397 11.45 -6.98 -17.49
N ARG D 398 12.26 -6.18 -16.79
CA ARG D 398 13.67 -6.03 -17.15
C ARG D 398 14.46 -7.29 -16.82
N LEU D 399 14.08 -7.99 -15.75
CA LEU D 399 14.76 -9.24 -15.43
C LEU D 399 14.37 -10.35 -16.42
N GLU D 400 13.24 -10.19 -17.08
CA GLU D 400 12.91 -11.05 -18.23
C GLU D 400 13.82 -10.69 -19.38
N LEU E 9 39.33 -22.46 33.69
CA LEU E 9 39.13 -21.02 33.71
C LEU E 9 39.31 -20.41 32.31
N ASP E 10 40.26 -19.50 32.18
CA ASP E 10 40.53 -18.87 30.89
C ASP E 10 41.29 -19.81 29.96
N GLN E 11 42.08 -20.72 30.53
CA GLN E 11 42.83 -21.65 29.70
C GLN E 11 41.94 -22.78 29.19
N LEU E 12 40.78 -22.98 29.82
CA LEU E 12 39.78 -23.90 29.27
C LEU E 12 39.22 -23.35 27.96
N ARG E 13 39.03 -22.04 27.88
CA ARG E 13 38.64 -21.39 26.63
C ARG E 13 39.76 -21.51 25.59
N GLN E 14 41.02 -21.51 26.05
CA GLN E 14 42.14 -21.73 25.15
C GLN E 14 42.16 -23.15 24.61
N GLU E 15 41.81 -24.13 25.45
CA GLU E 15 41.79 -25.52 24.99
C GLU E 15 40.62 -25.75 24.04
N ALA E 16 39.49 -25.08 24.27
CA ALA E 16 38.37 -25.13 23.33
C ALA E 16 38.74 -24.44 22.01
N GLU E 17 39.56 -23.39 22.09
CA GLU E 17 40.04 -22.71 20.87
C GLU E 17 40.96 -23.63 20.08
N GLN E 18 41.84 -24.38 20.77
CA GLN E 18 42.70 -25.31 20.07
C GLN E 18 41.91 -26.49 19.51
N LEU E 19 40.82 -26.88 20.19
CA LEU E 19 39.99 -27.96 19.67
C LEU E 19 39.24 -27.53 18.42
N LYS E 20 38.70 -26.31 18.40
CA LYS E 20 38.02 -25.84 17.20
C LYS E 20 39.03 -25.50 16.10
N ASN E 21 40.27 -25.20 16.47
CA ASN E 21 41.33 -25.07 15.47
C ASN E 21 41.66 -26.42 14.86
N GLN E 22 41.65 -27.48 15.67
CA GLN E 22 41.82 -28.83 15.16
C GLN E 22 40.67 -29.21 14.23
N ILE E 23 39.46 -28.77 14.57
CA ILE E 23 38.29 -28.95 13.69
C ILE E 23 38.49 -28.23 12.36
N ARG E 24 39.05 -27.02 12.40
CA ARG E 24 39.26 -26.25 11.18
C ARG E 24 40.32 -26.90 10.28
N ASP E 25 41.37 -27.45 10.88
CA ASP E 25 42.38 -28.17 10.12
C ASP E 25 41.83 -29.47 9.55
N ALA E 26 41.01 -30.18 10.34
CA ALA E 26 40.40 -31.42 9.88
C ALA E 26 39.34 -31.19 8.82
N ARG E 27 38.80 -29.97 8.72
CA ARG E 27 37.83 -29.68 7.67
C ARG E 27 38.46 -29.06 6.42
N LYS E 28 39.56 -28.31 6.55
CA LYS E 28 40.25 -27.91 5.33
C LYS E 28 41.17 -28.99 4.80
N ALA E 29 41.44 -30.04 5.58
CA ALA E 29 42.19 -31.18 5.07
C ALA E 29 41.34 -32.02 4.12
N CYS E 30 40.03 -32.05 4.32
CA CYS E 30 39.13 -32.77 3.44
C CYS E 30 38.53 -31.85 2.36
N ALA E 31 39.14 -30.70 2.13
CA ALA E 31 38.69 -29.74 1.13
C ALA E 31 39.85 -29.40 0.22
N ASP E 32 39.81 -29.91 -1.01
CA ASP E 32 40.83 -29.61 -2.01
C ASP E 32 40.16 -29.16 -3.30
N ALA E 33 38.89 -29.53 -3.46
CA ALA E 33 38.07 -29.10 -4.58
C ALA E 33 36.81 -28.43 -4.05
N THR E 34 35.97 -27.95 -4.96
CA THR E 34 34.72 -27.31 -4.61
C THR E 34 33.56 -28.03 -5.30
N LEU E 35 32.35 -27.59 -4.97
CA LEU E 35 31.19 -28.00 -5.75
C LEU E 35 31.15 -27.28 -7.09
N SER E 36 31.71 -26.07 -7.13
CA SER E 36 31.79 -25.32 -8.39
C SER E 36 32.82 -25.93 -9.32
N GLN E 37 33.89 -26.51 -8.78
CA GLN E 37 34.98 -27.01 -9.62
C GLN E 37 34.55 -28.27 -10.37
N ILE E 38 33.75 -29.12 -9.74
CA ILE E 38 33.31 -30.34 -10.40
C ILE E 38 32.19 -30.03 -11.39
N THR E 39 31.47 -28.93 -11.16
CA THR E 39 30.30 -28.62 -11.97
C THR E 39 30.55 -27.61 -13.07
N ASN E 40 31.79 -27.45 -13.54
CA ASN E 40 32.03 -26.58 -14.69
C ASN E 40 31.57 -27.25 -15.99
N ASN E 41 31.41 -28.56 -15.97
CA ASN E 41 31.06 -29.30 -17.17
C ASN E 41 29.60 -29.75 -17.22
N ILE E 42 28.81 -29.49 -16.18
CA ILE E 42 27.43 -29.94 -16.16
C ILE E 42 26.58 -28.98 -16.99
N ASP E 43 25.36 -29.41 -17.29
CA ASP E 43 24.44 -28.62 -18.08
C ASP E 43 23.97 -27.42 -17.29
N PRO E 44 23.74 -26.29 -17.96
CA PRO E 44 23.20 -25.13 -17.24
C PRO E 44 21.71 -25.25 -17.04
N VAL E 45 21.13 -24.30 -16.33
CA VAL E 45 19.68 -24.24 -16.16
C VAL E 45 19.21 -22.90 -16.71
N GLY E 46 18.18 -22.95 -17.55
CA GLY E 46 17.71 -21.77 -18.23
C GLY E 46 17.02 -20.78 -17.31
N ARG E 47 16.61 -19.67 -17.90
CA ARG E 47 15.84 -18.67 -17.18
C ARG E 47 14.49 -19.27 -16.81
N ILE E 48 14.32 -19.55 -15.51
CA ILE E 48 13.15 -20.30 -15.06
C ILE E 48 11.95 -19.38 -15.06
N GLN E 49 11.16 -19.44 -16.12
CA GLN E 49 9.93 -18.69 -16.20
C GLN E 49 8.86 -19.39 -15.38
N MET E 50 8.47 -18.78 -14.26
CA MET E 50 7.36 -19.30 -13.46
C MET E 50 6.31 -18.20 -13.38
N ARG E 51 5.16 -18.45 -13.98
CA ARG E 51 4.05 -17.54 -13.83
C ARG E 51 3.19 -17.94 -12.64
N THR E 52 2.57 -16.96 -12.03
CA THR E 52 1.73 -17.19 -10.85
C THR E 52 0.43 -17.82 -11.31
N ARG E 53 0.27 -19.11 -11.06
CA ARG E 53 -0.92 -19.82 -11.51
C ARG E 53 -2.13 -19.45 -10.67
N ARG E 54 -2.10 -19.76 -9.40
CA ARG E 54 -3.13 -19.34 -8.46
C ARG E 54 -2.61 -18.18 -7.64
N THR E 55 -3.52 -17.32 -7.21
CA THR E 55 -3.21 -16.32 -6.19
C THR E 55 -4.25 -16.51 -5.11
N LEU E 56 -3.87 -17.21 -4.05
CA LEU E 56 -4.72 -17.41 -2.89
C LEU E 56 -4.75 -16.11 -2.10
N ARG E 57 -5.90 -15.45 -2.10
CA ARG E 57 -6.15 -14.28 -1.30
C ARG E 57 -7.20 -14.61 -0.25
N GLY E 58 -7.15 -13.91 0.87
CA GLY E 58 -8.04 -14.24 1.96
C GLY E 58 -7.42 -14.08 3.32
N HIS E 59 -6.16 -13.68 3.37
CA HIS E 59 -5.48 -13.34 4.61
C HIS E 59 -5.48 -11.84 4.80
N LEU E 60 -5.63 -11.40 6.04
CA LEU E 60 -5.82 -9.98 6.31
C LEU E 60 -4.50 -9.30 6.64
N ALA E 61 -3.59 -10.01 7.28
CA ALA E 61 -2.27 -9.48 7.60
C ALA E 61 -1.20 -10.31 6.93
N LYS E 62 0.05 -10.01 7.25
CA LYS E 62 1.19 -10.63 6.59
C LYS E 62 1.27 -12.12 6.89
N ILE E 63 1.40 -12.90 5.83
CA ILE E 63 1.51 -14.35 5.97
C ILE E 63 2.90 -14.66 6.45
N TYR E 64 3.00 -15.30 7.60
CA TYR E 64 4.33 -15.46 8.17
C TYR E 64 4.87 -16.85 7.92
N ALA E 65 3.99 -17.81 7.71
CA ALA E 65 4.37 -19.15 7.32
C ALA E 65 3.25 -19.77 6.51
N MET E 66 3.64 -20.56 5.53
CA MET E 66 2.74 -21.47 4.87
C MET E 66 3.38 -22.84 4.94
N HIS E 67 2.60 -23.87 4.63
CA HIS E 67 3.09 -25.23 4.66
C HIS E 67 2.17 -26.07 3.80
N TRP E 68 2.76 -27.00 3.07
CA TRP E 68 2.01 -27.85 2.15
C TRP E 68 1.58 -29.12 2.86
N GLY E 69 0.41 -29.63 2.49
CA GLY E 69 0.07 -30.99 2.82
C GLY E 69 0.92 -31.95 2.02
N THR E 70 1.05 -33.18 2.52
CA THR E 70 1.89 -34.15 1.83
C THR E 70 1.23 -34.68 0.56
N ASP E 71 -0.07 -34.46 0.39
CA ASP E 71 -0.72 -34.75 -0.89
C ASP E 71 -0.54 -33.63 -1.89
N SER E 72 0.05 -32.51 -1.46
CA SER E 72 0.54 -31.42 -2.31
C SER E 72 -0.59 -30.69 -3.03
N ARG E 73 -1.76 -30.64 -2.40
CA ARG E 73 -2.85 -29.80 -2.87
C ARG E 73 -3.49 -28.99 -1.78
N LEU E 74 -3.37 -29.40 -0.53
CA LEU E 74 -3.85 -28.65 0.62
C LEU E 74 -2.68 -27.92 1.22
N LEU E 75 -2.79 -26.63 1.37
CA LEU E 75 -1.75 -25.92 2.08
C LEU E 75 -2.35 -25.09 3.19
N VAL E 76 -1.73 -25.15 4.36
CA VAL E 76 -2.11 -24.31 5.48
C VAL E 76 -1.27 -23.06 5.40
N SER E 77 -1.83 -21.93 5.75
CA SER E 77 -1.05 -20.72 5.84
C SER E 77 -1.49 -19.92 7.05
N ALA E 78 -0.51 -19.53 7.84
CA ALA E 78 -0.70 -18.72 9.03
C ALA E 78 -0.40 -17.28 8.69
N SER E 79 -1.26 -16.38 9.13
CA SER E 79 -0.90 -14.98 9.02
C SER E 79 -1.02 -14.31 10.38
N GLN E 80 -0.47 -13.10 10.46
CA GLN E 80 -0.38 -12.37 11.71
C GLN E 80 -1.70 -11.72 12.12
N ASP E 81 -2.77 -11.90 11.36
CA ASP E 81 -4.09 -11.47 11.79
C ASP E 81 -4.69 -12.41 12.82
N GLY E 82 -4.10 -13.59 13.01
CA GLY E 82 -4.64 -14.59 13.89
C GLY E 82 -5.42 -15.67 13.21
N LYS E 83 -5.06 -16.02 11.98
CA LYS E 83 -5.87 -16.89 11.15
C LYS E 83 -4.98 -17.92 10.49
N LEU E 84 -5.49 -19.14 10.40
CA LEU E 84 -4.77 -20.30 9.90
C LEU E 84 -5.67 -20.93 8.85
N ILE E 85 -5.51 -20.54 7.60
CA ILE E 85 -6.40 -20.96 6.53
C ILE E 85 -5.80 -22.17 5.84
N ILE E 86 -6.56 -23.25 5.78
CA ILE E 86 -6.23 -24.40 4.96
C ILE E 86 -6.91 -24.20 3.62
N TRP E 87 -6.12 -24.16 2.56
CA TRP E 87 -6.53 -23.93 1.18
C TRP E 87 -6.46 -25.23 0.40
N ASP E 88 -7.41 -25.41 -0.49
CA ASP E 88 -7.22 -26.29 -1.63
C ASP E 88 -6.58 -25.43 -2.70
N SER E 89 -5.33 -25.72 -3.03
CA SER E 89 -4.61 -24.91 -4.01
C SER E 89 -5.06 -25.21 -5.42
N TYR E 90 -5.68 -26.36 -5.65
CA TYR E 90 -6.09 -26.72 -6.99
C TYR E 90 -7.32 -25.93 -7.41
N THR E 91 -8.14 -25.51 -6.46
CA THR E 91 -9.36 -24.79 -6.73
C THR E 91 -9.41 -23.40 -6.14
N THR E 92 -8.36 -22.97 -5.43
CA THR E 92 -8.30 -21.73 -4.62
C THR E 92 -9.43 -21.63 -3.61
N ASN E 93 -9.97 -22.77 -3.18
CA ASN E 93 -11.05 -22.81 -2.21
C ASN E 93 -10.44 -22.94 -0.83
N LYS E 94 -10.97 -22.20 0.12
CA LYS E 94 -10.55 -22.37 1.49
C LYS E 94 -11.25 -23.58 2.06
N VAL E 95 -10.47 -24.51 2.59
CA VAL E 95 -11.02 -25.72 3.19
C VAL E 95 -11.35 -25.51 4.65
N HIS E 96 -10.46 -24.84 5.38
CA HIS E 96 -10.73 -24.46 6.75
C HIS E 96 -10.16 -23.07 6.98
N ALA E 97 -10.60 -22.44 8.05
CA ALA E 97 -10.01 -21.17 8.49
C ALA E 97 -10.10 -21.19 10.01
N ILE E 98 -9.04 -21.64 10.65
CA ILE E 98 -8.98 -21.75 12.10
C ILE E 98 -8.66 -20.38 12.68
N PRO E 99 -9.52 -19.81 13.51
CA PRO E 99 -9.13 -18.61 14.26
C PRO E 99 -8.24 -19.02 15.43
N LEU E 100 -7.20 -18.24 15.67
CA LEU E 100 -6.23 -18.61 16.68
C LEU E 100 -6.37 -17.70 17.88
N ARG E 101 -5.89 -18.17 19.03
CA ARG E 101 -6.04 -17.42 20.26
C ARG E 101 -5.13 -16.20 20.28
N SER E 102 -3.85 -16.40 19.98
CA SER E 102 -2.93 -15.29 19.84
C SER E 102 -2.74 -14.98 18.36
N SER E 103 -2.71 -13.70 18.04
CA SER E 103 -2.64 -13.29 16.65
C SER E 103 -1.23 -13.31 16.10
N TRP E 104 -0.23 -13.41 16.93
CA TRP E 104 1.17 -13.33 16.50
C TRP E 104 1.64 -14.75 16.24
N VAL E 105 1.47 -15.18 15.00
CA VAL E 105 1.76 -16.54 14.57
C VAL E 105 3.00 -16.46 13.73
N MET E 106 4.11 -16.97 14.24
CA MET E 106 5.36 -16.94 13.52
C MET E 106 5.62 -18.22 12.74
N THR E 107 4.81 -19.26 12.93
CA THR E 107 5.05 -20.51 12.25
C THR E 107 3.74 -21.27 12.12
N CYS E 108 3.74 -22.22 11.19
CA CYS E 108 2.66 -23.18 11.04
C CYS E 108 3.26 -24.46 10.53
N ALA E 109 2.57 -25.56 10.80
CA ALA E 109 2.93 -26.85 10.23
C ALA E 109 1.66 -27.59 9.90
N TYR E 110 1.79 -28.53 8.99
CA TYR E 110 0.72 -29.42 8.59
C TYR E 110 1.23 -30.80 8.96
N ALA E 111 0.40 -31.62 9.58
CA ALA E 111 0.85 -32.97 9.90
C ALA E 111 0.99 -33.77 8.61
N PRO E 112 2.03 -34.61 8.50
CA PRO E 112 2.22 -35.39 7.27
C PRO E 112 1.11 -36.41 7.03
N SER E 113 0.39 -36.83 8.07
CA SER E 113 -0.83 -37.60 7.89
C SER E 113 -1.96 -36.73 7.36
N GLY E 114 -1.92 -35.43 7.61
CA GLY E 114 -2.96 -34.54 7.18
C GLY E 114 -4.04 -34.28 8.20
N ASN E 115 -3.91 -34.80 9.40
CA ASN E 115 -4.96 -34.68 10.41
C ASN E 115 -4.77 -33.47 11.29
N TYR E 116 -3.54 -33.16 11.66
CA TYR E 116 -3.28 -32.06 12.56
C TYR E 116 -2.61 -30.92 11.84
N VAL E 117 -2.66 -29.76 12.47
CA VAL E 117 -2.00 -28.55 12.01
C VAL E 117 -1.40 -27.89 13.24
N ALA E 118 -0.12 -27.62 13.22
CA ALA E 118 0.42 -26.83 14.31
C ALA E 118 0.46 -25.37 13.95
N CYS E 119 0.49 -24.56 14.99
CA CYS E 119 0.81 -23.15 14.86
C CYS E 119 1.57 -22.75 16.10
N GLY E 120 2.21 -21.61 16.04
CA GLY E 120 2.89 -21.11 17.22
C GLY E 120 3.47 -19.76 16.90
N GLY E 121 3.90 -19.07 17.93
CA GLY E 121 4.48 -17.78 17.70
C GLY E 121 4.95 -17.12 18.96
N LEU E 122 4.63 -15.84 19.11
CA LEU E 122 5.08 -15.07 20.26
C LEU E 122 4.40 -15.46 21.56
N ASP E 123 3.33 -16.24 21.51
CA ASP E 123 2.64 -16.71 22.68
C ASP E 123 3.37 -17.82 23.42
N ASN E 124 4.45 -18.34 22.83
CA ASN E 124 5.35 -19.40 23.32
C ASN E 124 4.70 -20.77 23.40
N ILE E 125 3.50 -20.95 22.87
CA ILE E 125 2.76 -22.20 22.93
C ILE E 125 2.62 -22.71 21.52
N CYS E 126 2.82 -24.01 21.32
CA CYS E 126 2.46 -24.64 20.06
C CYS E 126 1.03 -25.15 20.17
N SER E 127 0.15 -24.66 19.31
CA SER E 127 -1.22 -25.14 19.28
C SER E 127 -1.37 -26.17 18.18
N ILE E 128 -1.85 -27.36 18.52
CA ILE E 128 -2.04 -28.46 17.60
C ILE E 128 -3.53 -28.62 17.42
N TYR E 129 -3.99 -28.54 16.16
CA TYR E 129 -5.40 -28.57 15.80
C TYR E 129 -5.71 -29.85 15.06
N ASN E 130 -6.83 -30.46 15.38
CA ASN E 130 -7.31 -31.63 14.65
C ASN E 130 -8.19 -31.16 13.51
N LEU E 131 -7.84 -31.55 12.30
CA LEU E 131 -8.66 -31.17 11.15
C LEU E 131 -9.78 -32.16 10.91
N LYS E 132 -9.51 -33.45 11.09
CA LYS E 132 -10.53 -34.49 10.91
C LYS E 132 -10.92 -34.96 12.31
N THR E 133 -11.76 -34.16 12.98
CA THR E 133 -12.04 -34.42 14.40
C THR E 133 -13.18 -35.42 14.63
N ARG E 134 -14.42 -35.03 14.35
CA ARG E 134 -15.56 -35.95 14.32
C ARG E 134 -16.33 -35.86 13.02
N GLU E 135 -16.71 -34.65 12.63
CA GLU E 135 -17.39 -34.36 11.37
C GLU E 135 -16.79 -33.14 10.69
N GLY E 136 -15.91 -32.42 11.36
CA GLY E 136 -15.29 -31.20 10.91
C GLY E 136 -15.74 -30.02 11.74
N ASN E 137 -14.96 -29.74 12.78
CA ASN E 137 -15.08 -28.52 13.57
C ASN E 137 -13.73 -28.37 14.25
N VAL E 138 -12.87 -27.53 13.67
CA VAL E 138 -11.44 -27.56 13.97
C VAL E 138 -11.21 -26.94 15.35
N ARG E 139 -11.01 -27.79 16.35
CA ARG E 139 -10.73 -27.41 17.70
C ARG E 139 -9.27 -27.70 18.03
N VAL E 140 -8.80 -27.16 19.16
CA VAL E 140 -7.40 -27.32 19.52
C VAL E 140 -7.23 -28.70 20.16
N SER E 141 -6.41 -29.53 19.54
CA SER E 141 -6.12 -30.84 20.12
C SER E 141 -5.19 -30.73 21.30
N ARG E 142 -4.14 -29.90 21.21
CA ARG E 142 -3.15 -29.86 22.28
C ARG E 142 -2.38 -28.55 22.25
N GLU E 143 -2.31 -27.87 23.39
CA GLU E 143 -1.47 -26.69 23.54
C GLU E 143 -0.20 -27.12 24.28
N LEU E 144 0.92 -27.11 23.57
CA LEU E 144 2.20 -27.51 24.11
C LEU E 144 2.92 -26.28 24.63
N ALA E 145 2.95 -26.13 25.95
CA ALA E 145 3.69 -25.08 26.62
C ALA E 145 4.91 -25.67 27.28
N GLY E 146 5.93 -24.84 27.46
CA GLY E 146 7.19 -25.31 28.00
C GLY E 146 8.37 -24.60 27.38
N HIS E 147 8.10 -23.81 26.37
CA HIS E 147 9.13 -22.97 25.76
C HIS E 147 9.13 -21.62 26.44
N THR E 148 10.33 -21.03 26.52
CA THR E 148 10.54 -19.81 27.26
C THR E 148 10.57 -18.58 26.34
N GLY E 149 10.74 -18.78 25.04
CA GLY E 149 10.68 -17.69 24.10
C GLY E 149 9.68 -18.01 23.01
N TYR E 150 9.59 -17.11 22.04
CA TYR E 150 8.68 -17.27 20.92
C TYR E 150 9.03 -18.50 20.12
N LEU E 151 8.02 -19.19 19.60
CA LEU E 151 8.27 -20.31 18.71
C LEU E 151 8.54 -19.79 17.31
N SER E 152 9.65 -20.25 16.73
CA SER E 152 10.04 -19.80 15.41
C SER E 152 9.63 -20.77 14.32
N CYS E 153 9.79 -22.06 14.56
CA CYS E 153 9.40 -23.08 13.62
C CYS E 153 8.88 -24.26 14.42
N CYS E 154 8.03 -25.05 13.78
CA CYS E 154 7.50 -26.27 14.34
C CYS E 154 7.29 -27.21 13.18
N ARG E 155 7.71 -28.46 13.34
CA ARG E 155 7.64 -29.42 12.28
C ARG E 155 7.26 -30.75 12.88
N PHE E 156 6.09 -31.26 12.50
CA PHE E 156 5.65 -32.57 12.95
C PHE E 156 6.57 -33.65 12.42
N LEU E 157 6.98 -34.56 13.29
CA LEU E 157 7.59 -35.79 12.81
C LEU E 157 6.52 -36.83 12.49
N ASP E 158 5.70 -37.16 13.48
CA ASP E 158 4.57 -38.06 13.32
C ASP E 158 3.29 -37.29 13.63
N ASP E 159 2.17 -38.00 13.73
CA ASP E 159 1.01 -37.42 14.39
C ASP E 159 1.26 -37.20 15.87
N ASN E 160 2.15 -38.00 16.45
CA ASN E 160 2.36 -38.04 17.88
C ASN E 160 3.57 -37.24 18.33
N GLN E 161 4.45 -36.83 17.43
CA GLN E 161 5.61 -36.04 17.80
C GLN E 161 5.70 -34.80 16.97
N ILE E 162 6.21 -33.73 17.58
CA ILE E 162 6.50 -32.48 16.92
C ILE E 162 7.84 -32.02 17.46
N VAL E 163 8.54 -31.19 16.70
CA VAL E 163 9.73 -30.53 17.22
C VAL E 163 9.54 -29.05 16.97
N THR E 164 9.79 -28.25 18.00
CA THR E 164 9.55 -26.82 17.95
C THR E 164 10.85 -26.11 18.29
N SER E 165 11.29 -25.23 17.41
CA SER E 165 12.40 -24.36 17.72
C SER E 165 11.87 -23.11 18.36
N SER E 166 12.63 -22.56 19.29
CA SER E 166 12.16 -21.37 19.93
C SER E 166 13.25 -20.31 19.98
N GLY E 167 12.85 -19.13 20.43
CA GLY E 167 13.77 -18.04 20.65
C GLY E 167 14.27 -18.02 22.07
N ASP E 168 14.24 -19.16 22.75
CA ASP E 168 14.95 -19.33 24.00
C ASP E 168 16.22 -20.16 23.82
N THR E 169 16.77 -20.12 22.59
CA THR E 169 18.02 -20.79 22.19
C THR E 169 17.94 -22.30 22.37
N THR E 170 16.85 -22.90 21.89
CA THR E 170 16.50 -24.27 22.27
C THR E 170 15.48 -24.81 21.27
N CYS E 171 15.71 -26.03 20.80
CA CYS E 171 14.69 -26.81 20.11
C CYS E 171 14.16 -27.87 21.07
N ALA E 172 12.99 -28.42 20.77
CA ALA E 172 12.37 -29.35 21.69
C ALA E 172 11.51 -30.34 20.96
N LEU E 173 11.68 -31.62 21.26
CA LEU E 173 10.83 -32.68 20.75
C LEU E 173 9.74 -32.96 21.77
N TRP E 174 8.50 -32.86 21.34
CA TRP E 174 7.33 -33.01 22.19
C TRP E 174 6.67 -34.36 21.98
N ASP E 175 5.60 -34.58 22.73
CA ASP E 175 4.71 -35.71 22.53
C ASP E 175 3.30 -35.14 22.56
N ILE E 176 2.58 -35.31 21.47
CA ILE E 176 1.30 -34.61 21.33
C ILE E 176 0.23 -35.25 22.22
N GLU E 177 0.26 -36.58 22.36
CA GLU E 177 -0.76 -37.25 23.15
C GLU E 177 -0.59 -37.00 24.65
N THR E 178 0.63 -36.76 25.12
CA THR E 178 0.86 -36.49 26.53
C THR E 178 1.04 -35.01 26.84
N GLY E 179 1.71 -34.26 25.97
CA GLY E 179 1.81 -32.83 26.12
C GLY E 179 3.09 -32.31 26.71
N GLN E 180 4.16 -33.10 26.71
CA GLN E 180 5.37 -32.74 27.43
C GLN E 180 6.58 -32.99 26.56
N GLN E 181 7.66 -32.25 26.86
CA GLN E 181 8.88 -32.31 26.09
C GLN E 181 9.55 -33.67 26.25
N THR E 182 9.58 -34.44 25.18
CA THR E 182 10.32 -35.70 25.19
C THR E 182 11.82 -35.44 25.24
N THR E 183 12.29 -34.50 24.44
CA THR E 183 13.72 -34.22 24.33
C THR E 183 13.89 -32.70 24.25
N THR E 184 15.02 -32.21 24.76
CA THR E 184 15.31 -30.77 24.73
C THR E 184 16.71 -30.57 24.17
N PHE E 185 16.79 -30.03 22.95
CA PHE E 185 18.05 -29.85 22.25
C PHE E 185 18.55 -28.44 22.53
N THR E 186 19.55 -28.35 23.40
CA THR E 186 20.19 -27.09 23.75
C THR E 186 21.57 -27.01 23.14
N GLY E 187 22.10 -25.80 23.07
CA GLY E 187 23.43 -25.62 22.52
C GLY E 187 23.60 -24.36 21.72
N HIS E 188 22.51 -23.85 21.16
CA HIS E 188 22.57 -22.58 20.45
C HIS E 188 22.74 -21.43 21.42
N THR E 189 23.43 -20.38 20.99
CA THR E 189 23.56 -19.16 21.76
C THR E 189 22.73 -18.02 21.20
N GLY E 190 21.96 -18.27 20.14
CA GLY E 190 21.02 -17.30 19.62
C GLY E 190 19.67 -17.94 19.42
N ASP E 191 18.70 -17.10 19.08
CA ASP E 191 17.35 -17.57 18.79
C ASP E 191 17.37 -18.51 17.61
N VAL E 192 16.95 -19.75 17.83
CA VAL E 192 16.84 -20.72 16.74
C VAL E 192 15.71 -20.24 15.82
N MET E 193 16.05 -19.90 14.59
CA MET E 193 15.08 -19.23 13.73
C MET E 193 14.29 -20.18 12.85
N SER E 194 14.78 -21.40 12.69
CA SER E 194 14.20 -22.33 11.74
C SER E 194 14.65 -23.73 12.12
N LEU E 195 13.95 -24.71 11.58
CA LEU E 195 14.45 -26.07 11.60
C LEU E 195 13.90 -26.77 10.37
N SER E 196 14.56 -27.88 10.01
CA SER E 196 14.19 -28.63 8.84
C SER E 196 14.38 -30.10 9.14
N LEU E 197 13.32 -30.87 9.00
CA LEU E 197 13.42 -32.29 9.23
C LEU E 197 13.97 -33.01 8.01
N ALA E 198 14.76 -34.04 8.25
CA ALA E 198 15.30 -34.86 7.19
C ALA E 198 14.19 -35.65 6.52
N PRO E 199 14.42 -36.14 5.29
CA PRO E 199 13.46 -37.08 4.69
C PRO E 199 13.25 -38.35 5.49
N ASP E 200 14.25 -38.80 6.23
CA ASP E 200 14.10 -39.90 7.16
C ASP E 200 13.54 -39.47 8.50
N THR E 201 13.49 -38.16 8.78
CA THR E 201 13.07 -37.53 10.05
C THR E 201 13.78 -38.12 11.27
N ARG E 202 15.01 -38.59 11.10
CA ARG E 202 15.80 -39.01 12.25
C ARG E 202 16.65 -37.88 12.78
N LEU E 203 17.32 -37.16 11.91
CA LEU E 203 18.03 -35.94 12.24
C LEU E 203 17.18 -34.74 11.83
N PHE E 204 17.57 -33.58 12.32
CA PHE E 204 17.04 -32.33 11.81
C PHE E 204 18.07 -31.25 12.04
N VAL E 205 18.09 -30.29 11.16
CA VAL E 205 19.03 -29.19 11.23
C VAL E 205 18.29 -28.00 11.79
N SER E 206 19.02 -27.10 12.45
CA SER E 206 18.41 -25.97 13.12
C SER E 206 19.41 -24.84 13.12
N GLY E 207 19.12 -23.78 12.38
CA GLY E 207 19.99 -22.63 12.31
C GLY E 207 19.49 -21.56 13.26
N ALA E 208 20.41 -20.77 13.79
CA ALA E 208 20.03 -19.81 14.79
C ALA E 208 20.60 -18.44 14.50
N CYS E 209 20.30 -17.51 15.41
CA CYS E 209 20.73 -16.13 15.27
C CYS E 209 22.22 -15.94 15.55
N ASP E 210 22.91 -16.97 16.05
CA ASP E 210 24.34 -16.88 16.29
C ASP E 210 25.16 -17.22 15.07
N ALA E 211 24.55 -17.20 13.88
CA ALA E 211 25.07 -17.50 12.55
C ALA E 211 25.43 -18.96 12.37
N SER E 212 25.11 -19.83 13.32
CA SER E 212 25.50 -21.24 13.25
C SER E 212 24.26 -22.10 13.05
N ALA E 213 24.44 -23.18 12.30
CA ALA E 213 23.46 -24.24 12.22
C ALA E 213 23.95 -25.42 13.05
N LYS E 214 23.01 -26.28 13.44
CA LYS E 214 23.36 -27.46 14.21
C LYS E 214 22.50 -28.62 13.75
N LEU E 215 23.13 -29.76 13.51
CA LEU E 215 22.45 -30.99 13.15
C LEU E 215 22.30 -31.81 14.41
N TRP E 216 21.05 -32.18 14.71
CA TRP E 216 20.64 -32.92 15.90
C TRP E 216 20.22 -34.32 15.52
N ASP E 217 19.65 -35.03 16.48
CA ASP E 217 18.88 -36.23 16.20
C ASP E 217 17.81 -36.36 17.27
N VAL E 218 16.61 -36.74 16.85
CA VAL E 218 15.49 -36.79 17.78
C VAL E 218 15.57 -37.99 18.71
N ARG E 219 16.37 -39.01 18.39
CA ARG E 219 16.47 -40.18 19.26
C ARG E 219 17.30 -39.87 20.50
N GLU E 220 18.57 -39.50 20.31
CA GLU E 220 19.44 -39.26 21.45
C GLU E 220 19.18 -37.89 22.07
N GLY E 221 19.39 -36.83 21.33
CA GLY E 221 19.17 -35.50 21.82
C GLY E 221 20.40 -34.62 21.88
N MET E 222 21.57 -35.14 21.56
CA MET E 222 22.79 -34.36 21.57
C MET E 222 23.08 -33.86 20.17
N CYS E 223 23.96 -32.87 20.09
CA CYS E 223 24.25 -32.22 18.83
C CYS E 223 25.22 -33.07 18.01
N ARG E 224 24.77 -33.52 16.83
CA ARG E 224 25.67 -34.31 15.99
C ARG E 224 26.71 -33.42 15.32
N GLN E 225 26.29 -32.30 14.73
CA GLN E 225 27.24 -31.47 13.99
C GLN E 225 26.91 -30.00 14.16
N THR E 226 27.89 -29.16 13.86
CA THR E 226 27.74 -27.71 13.95
C THR E 226 28.38 -27.07 12.74
N PHE E 227 27.68 -26.11 12.14
CA PHE E 227 28.04 -25.54 10.85
C PHE E 227 28.13 -24.04 11.01
N THR E 228 29.35 -23.52 11.03
CA THR E 228 29.60 -22.10 10.96
C THR E 228 29.91 -21.73 9.52
N GLY E 229 30.04 -20.43 9.28
CA GLY E 229 30.34 -19.97 7.95
C GLY E 229 29.51 -18.76 7.57
N HIS E 230 28.31 -18.66 8.13
CA HIS E 230 27.51 -17.48 7.89
C HIS E 230 27.99 -16.34 8.79
N GLU E 231 27.63 -15.13 8.39
CA GLU E 231 28.04 -13.93 9.11
C GLU E 231 26.96 -13.36 10.00
N SER E 232 25.73 -13.51 9.69
CA SER E 232 24.69 -13.05 10.51
C SER E 232 23.67 -14.10 10.59
N ASP E 233 22.66 -13.83 11.38
CA ASP E 233 21.52 -14.70 11.60
C ASP E 233 21.01 -15.56 10.47
N ILE E 234 20.76 -16.84 10.68
CA ILE E 234 20.27 -17.79 9.69
C ILE E 234 18.75 -17.74 9.73
N ASN E 235 18.12 -17.04 8.77
CA ASN E 235 16.69 -16.84 8.82
C ASN E 235 15.91 -18.05 8.32
N ALA E 236 16.59 -18.96 7.63
CA ALA E 236 15.92 -20.00 6.89
C ALA E 236 16.87 -21.16 6.71
N ILE E 237 16.31 -22.34 6.68
CA ILE E 237 17.07 -23.56 6.53
C ILE E 237 16.14 -24.58 5.91
N CYS E 238 16.69 -25.45 5.09
CA CYS E 238 15.88 -26.45 4.42
C CYS E 238 16.81 -27.58 4.03
N PHE E 239 16.29 -28.79 3.97
CA PHE E 239 17.10 -29.93 3.62
C PHE E 239 17.05 -30.21 2.13
N PHE E 240 18.20 -30.52 1.56
CA PHE E 240 18.31 -31.16 0.27
C PHE E 240 17.54 -32.48 0.30
N PRO E 241 16.89 -32.86 -0.81
CA PRO E 241 15.93 -33.99 -0.75
C PRO E 241 16.54 -35.36 -0.57
N ASN E 242 17.84 -35.50 -0.35
CA ASN E 242 18.39 -36.79 0.04
C ASN E 242 18.72 -36.86 1.52
N GLY E 243 18.72 -35.72 2.21
CA GLY E 243 19.08 -35.67 3.61
C GLY E 243 20.55 -35.54 3.88
N ASN E 244 21.38 -35.37 2.85
CA ASN E 244 22.82 -35.27 3.04
C ASN E 244 23.32 -33.85 3.02
N ALA E 245 22.60 -32.94 2.38
CA ALA E 245 22.97 -31.53 2.37
C ALA E 245 21.81 -30.73 2.93
N PHE E 246 22.06 -29.46 3.15
CA PHE E 246 21.01 -28.53 3.52
C PHE E 246 21.47 -27.13 3.17
N ALA E 247 20.54 -26.30 2.77
CA ALA E 247 20.83 -24.92 2.40
C ALA E 247 20.35 -23.99 3.49
N THR E 248 21.25 -23.15 3.98
CA THR E 248 20.96 -22.14 4.98
C THR E 248 20.92 -20.78 4.30
N GLY E 249 19.91 -20.00 4.61
CA GLY E 249 19.85 -18.67 4.06
C GLY E 249 19.81 -17.67 5.20
N SER E 250 20.73 -16.73 5.22
CA SER E 250 20.87 -15.88 6.40
C SER E 250 20.61 -14.42 6.05
N ASP E 251 20.79 -13.56 7.05
CA ASP E 251 20.54 -12.14 6.92
C ASP E 251 21.78 -11.37 6.44
N ASP E 252 22.89 -12.06 6.19
CA ASP E 252 24.02 -11.47 5.48
C ASP E 252 23.86 -11.59 3.97
N ALA E 253 22.67 -12.00 3.50
CA ALA E 253 22.28 -12.12 2.09
C ALA E 253 23.11 -13.16 1.35
N THR E 254 23.25 -14.33 1.95
CA THR E 254 23.85 -15.47 1.27
C THR E 254 23.03 -16.70 1.53
N CYS E 255 23.07 -17.64 0.60
CA CYS E 255 22.67 -19.00 0.89
C CYS E 255 23.94 -19.82 0.89
N ARG E 256 23.93 -20.92 1.64
CA ARG E 256 25.10 -21.78 1.66
C ARG E 256 24.65 -23.21 1.77
N LEU E 257 25.31 -24.07 1.03
CA LEU E 257 25.00 -25.49 0.99
C LEU E 257 25.99 -26.21 1.89
N PHE E 258 25.55 -26.66 3.04
CA PHE E 258 26.39 -27.44 3.94
C PHE E 258 26.03 -28.91 3.81
N ASP E 259 27.04 -29.75 3.61
CA ASP E 259 26.87 -31.19 3.60
C ASP E 259 27.24 -31.75 4.97
N LEU E 260 26.58 -32.83 5.36
CA LEU E 260 26.80 -33.39 6.69
C LEU E 260 28.14 -34.11 6.78
N ARG E 261 28.39 -35.04 5.86
CA ARG E 261 29.62 -35.81 5.90
C ARG E 261 30.83 -34.96 5.51
N ALA E 262 30.67 -34.02 4.58
CA ALA E 262 31.72 -33.07 4.30
C ALA E 262 31.92 -32.07 5.43
N ASP E 263 30.88 -31.87 6.25
CA ASP E 263 30.90 -31.08 7.49
C ASP E 263 31.23 -29.60 7.25
N GLN E 264 31.07 -29.11 6.02
CA GLN E 264 31.34 -27.70 5.74
C GLN E 264 30.57 -27.30 4.49
N GLU E 265 30.68 -26.01 4.17
CA GLU E 265 29.98 -25.40 3.05
C GLU E 265 30.46 -25.95 1.73
N LEU E 266 29.53 -26.33 0.86
CA LEU E 266 29.87 -26.74 -0.49
C LEU E 266 29.69 -25.63 -1.50
N MET E 267 28.69 -24.77 -1.33
CA MET E 267 28.52 -23.67 -2.27
C MET E 267 27.89 -22.47 -1.57
N THR E 268 28.14 -21.28 -2.10
CA THR E 268 27.62 -20.04 -1.53
C THR E 268 26.92 -19.22 -2.59
N TYR E 269 25.59 -19.17 -2.51
CA TYR E 269 24.74 -18.50 -3.49
C TYR E 269 24.55 -17.06 -3.02
N SER E 270 25.36 -16.17 -3.59
CA SER E 270 25.34 -14.76 -3.30
C SER E 270 25.24 -13.99 -4.60
N HIS E 271 25.19 -12.67 -4.48
CA HIS E 271 25.27 -11.76 -5.60
C HIS E 271 25.71 -10.40 -5.07
N ASP E 272 26.26 -9.58 -5.95
CA ASP E 272 26.74 -8.27 -5.53
C ASP E 272 25.58 -7.31 -5.32
N ASN E 273 24.61 -7.32 -6.24
CA ASN E 273 23.44 -6.45 -6.13
C ASN E 273 22.51 -6.88 -5.01
N ILE E 274 22.57 -8.15 -4.61
CA ILE E 274 21.76 -8.66 -3.52
C ILE E 274 22.38 -8.22 -2.20
N ILE E 275 21.62 -7.49 -1.39
CA ILE E 275 22.13 -7.00 -0.12
C ILE E 275 21.28 -7.43 1.06
N CYS E 276 20.02 -7.79 0.88
CA CYS E 276 19.13 -8.12 1.99
C CYS E 276 19.01 -9.64 2.14
N GLY E 277 18.68 -10.05 3.35
CA GLY E 277 18.80 -11.44 3.69
C GLY E 277 17.69 -12.31 3.17
N ILE E 278 18.01 -13.60 3.08
CA ILE E 278 17.09 -14.60 2.58
C ILE E 278 16.12 -14.95 3.69
N THR E 279 14.85 -14.70 3.46
CA THR E 279 13.84 -15.04 4.44
C THR E 279 13.50 -16.52 4.44
N SER E 280 13.48 -17.15 3.26
CA SER E 280 13.04 -18.53 3.12
C SER E 280 13.91 -19.24 2.10
N VAL E 281 14.31 -20.47 2.40
CA VAL E 281 14.93 -21.32 1.39
C VAL E 281 14.04 -22.54 1.20
N SER E 282 14.02 -23.04 -0.03
CA SER E 282 13.32 -24.28 -0.34
C SER E 282 14.03 -24.93 -1.49
N PHE E 283 13.93 -26.24 -1.60
CA PHE E 283 14.54 -26.94 -2.71
C PHE E 283 13.48 -27.46 -3.65
N SER E 284 13.90 -27.83 -4.85
CA SER E 284 13.01 -28.52 -5.76
C SER E 284 13.00 -30.01 -5.41
N LYS E 285 12.30 -30.82 -6.19
CA LYS E 285 12.32 -32.26 -5.94
C LYS E 285 13.68 -32.84 -6.27
N SER E 286 14.30 -32.38 -7.35
CA SER E 286 15.63 -32.81 -7.73
C SER E 286 16.72 -32.22 -6.86
N GLY E 287 16.42 -31.13 -6.15
CA GLY E 287 17.48 -30.34 -5.57
C GLY E 287 18.24 -29.50 -6.55
N ARG E 288 17.74 -29.34 -7.78
CA ARG E 288 18.44 -28.54 -8.77
C ARG E 288 18.07 -27.07 -8.68
N LEU E 289 16.92 -26.75 -8.11
CA LEU E 289 16.56 -25.36 -7.90
C LEU E 289 16.45 -25.10 -6.42
N LEU E 290 17.26 -24.18 -5.93
CA LEU E 290 17.15 -23.64 -4.58
C LEU E 290 16.40 -22.33 -4.73
N LEU E 291 15.12 -22.35 -4.41
CA LEU E 291 14.35 -21.13 -4.42
C LEU E 291 14.57 -20.42 -3.11
N ALA E 292 14.69 -19.10 -3.15
CA ALA E 292 15.09 -18.33 -1.98
C ALA E 292 14.31 -17.03 -1.98
N GLY E 293 13.42 -16.87 -1.01
CA GLY E 293 12.70 -15.64 -0.84
C GLY E 293 13.60 -14.59 -0.25
N TYR E 294 13.23 -13.33 -0.44
CA TYR E 294 14.12 -12.23 -0.13
C TYR E 294 13.36 -11.08 0.47
N ASP E 295 14.12 -10.16 1.04
CA ASP E 295 13.58 -8.89 1.52
C ASP E 295 13.61 -7.81 0.44
N ASP E 296 14.17 -8.09 -0.74
CA ASP E 296 13.93 -7.28 -1.93
C ASP E 296 12.74 -7.79 -2.73
N PHE E 297 11.90 -8.60 -2.09
CA PHE E 297 10.51 -8.90 -2.42
C PHE E 297 10.39 -9.92 -3.56
N ASN E 298 11.45 -10.65 -3.88
CA ASN E 298 11.40 -11.60 -4.98
C ASN E 298 12.20 -12.84 -4.65
N CYS E 299 11.70 -13.99 -5.07
CA CYS E 299 12.33 -15.27 -4.80
C CYS E 299 13.27 -15.59 -5.94
N ASN E 300 14.56 -15.54 -5.70
CA ASN E 300 15.49 -15.93 -6.73
C ASN E 300 15.62 -17.45 -6.76
N VAL E 301 15.77 -17.99 -7.95
CA VAL E 301 15.83 -19.43 -8.16
C VAL E 301 17.27 -19.76 -8.52
N TRP E 302 18.03 -20.29 -7.58
CA TRP E 302 19.44 -20.53 -7.75
C TRP E 302 19.66 -21.94 -8.24
N ASP E 303 20.43 -22.09 -9.31
CA ASP E 303 20.96 -23.40 -9.65
C ASP E 303 21.89 -23.86 -8.53
N ALA E 304 21.51 -24.96 -7.88
CA ALA E 304 22.16 -25.36 -6.63
C ALA E 304 23.60 -25.80 -6.86
N LEU E 305 23.89 -26.33 -8.04
CA LEU E 305 25.24 -26.82 -8.31
C LEU E 305 26.11 -25.71 -8.90
N LYS E 306 25.58 -24.98 -9.88
CA LYS E 306 26.41 -24.03 -10.60
C LYS E 306 26.56 -22.71 -9.84
N ALA E 307 25.62 -22.43 -8.92
CA ALA E 307 25.55 -21.17 -8.16
C ALA E 307 25.49 -19.95 -9.06
N ASP E 308 24.53 -19.95 -9.96
CA ASP E 308 24.15 -18.77 -10.72
C ASP E 308 22.63 -18.77 -10.75
N ARG E 309 22.02 -17.61 -10.50
CA ARG E 309 20.59 -17.59 -10.31
C ARG E 309 19.87 -17.83 -11.63
N ALA E 310 19.06 -18.89 -11.66
CA ALA E 310 18.39 -19.27 -12.88
C ALA E 310 17.22 -18.34 -13.18
N GLY E 311 16.32 -18.18 -12.23
CA GLY E 311 15.15 -17.36 -12.45
C GLY E 311 14.87 -16.46 -11.29
N VAL E 312 13.82 -15.64 -11.39
CA VAL E 312 13.35 -14.78 -10.33
C VAL E 312 11.83 -14.95 -10.34
N LEU E 313 11.19 -14.99 -9.18
CA LEU E 313 9.74 -15.14 -9.20
C LEU E 313 9.05 -13.80 -9.35
N ALA E 314 9.31 -12.87 -8.44
CA ALA E 314 9.05 -11.43 -8.61
C ALA E 314 7.59 -11.12 -8.88
N GLY E 315 6.75 -11.41 -7.92
CA GLY E 315 5.36 -11.02 -8.05
C GLY E 315 4.87 -10.32 -6.82
N HIS E 316 5.66 -10.42 -5.76
CA HIS E 316 5.18 -10.02 -4.45
C HIS E 316 5.47 -8.55 -4.17
N ASP E 317 4.51 -7.90 -3.52
CA ASP E 317 4.61 -6.47 -3.28
C ASP E 317 5.36 -6.18 -1.98
N ASN E 318 5.68 -7.23 -1.22
CA ASN E 318 6.33 -7.05 0.08
C ASN E 318 7.26 -8.22 0.29
N ARG E 319 7.79 -8.30 1.51
CA ARG E 319 8.80 -9.29 1.88
C ARG E 319 8.26 -10.69 1.78
N VAL E 320 8.95 -11.54 1.01
CA VAL E 320 8.51 -12.92 0.81
C VAL E 320 8.91 -13.67 2.07
N SER E 321 7.95 -13.77 3.01
CA SER E 321 8.23 -14.39 4.29
C SER E 321 8.38 -15.90 4.15
N CYS E 322 7.53 -16.53 3.36
CA CYS E 322 7.46 -17.97 3.32
C CYS E 322 7.42 -18.44 1.89
N LEU E 323 7.96 -19.63 1.68
CA LEU E 323 8.23 -20.17 0.36
C LEU E 323 8.35 -21.67 0.51
N GLY E 324 7.44 -22.40 -0.12
CA GLY E 324 7.40 -23.83 0.03
C GLY E 324 7.07 -24.54 -1.26
N VAL E 325 7.87 -25.48 -1.60
CA VAL E 325 7.66 -26.31 -2.78
C VAL E 325 6.92 -27.56 -2.33
N THR E 326 6.13 -28.12 -3.24
CA THR E 326 5.31 -29.29 -2.96
C THR E 326 6.17 -30.52 -2.71
N ASP E 327 5.50 -31.62 -2.33
CA ASP E 327 6.20 -32.88 -2.16
C ASP E 327 6.61 -33.45 -3.50
N ASP E 328 5.80 -33.29 -4.53
CA ASP E 328 6.10 -33.83 -5.84
C ASP E 328 6.73 -32.80 -6.79
N GLY E 329 7.15 -31.66 -6.28
CA GLY E 329 7.76 -30.63 -7.11
C GLY E 329 6.83 -29.96 -8.08
N MET E 330 5.51 -30.12 -7.93
CA MET E 330 4.60 -29.70 -8.97
C MET E 330 4.35 -28.21 -8.94
N ALA E 331 4.47 -27.58 -7.78
CA ALA E 331 4.22 -26.15 -7.68
C ALA E 331 5.06 -25.58 -6.57
N VAL E 332 5.07 -24.26 -6.48
CA VAL E 332 5.77 -23.61 -5.38
C VAL E 332 4.98 -22.41 -4.88
N ALA E 333 4.53 -22.49 -3.64
CA ALA E 333 3.76 -21.41 -3.07
C ALA E 333 4.67 -20.46 -2.33
N THR E 334 4.53 -19.19 -2.64
CA THR E 334 5.25 -18.15 -1.92
C THR E 334 4.22 -17.26 -1.26
N GLY E 335 4.22 -17.23 0.02
CA GLY E 335 3.48 -16.22 0.71
C GLY E 335 4.38 -15.06 1.00
N SER E 336 3.77 -13.96 1.38
CA SER E 336 4.54 -12.76 1.55
C SER E 336 3.81 -11.83 2.48
N TRP E 337 4.44 -10.71 2.77
CA TRP E 337 3.90 -9.75 3.71
C TRP E 337 2.82 -8.88 3.10
N ASP E 338 2.52 -9.03 1.81
CA ASP E 338 1.38 -8.41 1.17
C ASP E 338 0.11 -9.24 1.31
N SER E 339 0.15 -10.30 2.12
CA SER E 339 -0.98 -11.17 2.47
C SER E 339 -1.52 -11.96 1.29
N PHE E 340 -0.71 -12.21 0.27
CA PHE E 340 -1.14 -13.01 -0.85
C PHE E 340 -0.20 -14.19 -1.01
N LEU E 341 -0.79 -15.36 -1.18
CA LEU E 341 -0.05 -16.57 -1.50
C LEU E 341 -0.09 -16.73 -2.99
N LYS E 342 1.04 -16.94 -3.61
CA LYS E 342 1.09 -17.14 -5.04
C LYS E 342 1.58 -18.54 -5.32
N ILE E 343 0.92 -19.23 -6.23
CA ILE E 343 1.33 -20.56 -6.62
C ILE E 343 2.01 -20.41 -7.96
N TRP E 344 3.27 -20.81 -8.04
CA TRP E 344 4.08 -20.64 -9.23
C TRP E 344 4.33 -21.99 -9.85
N ASN E 345 4.26 -22.07 -11.16
CA ASN E 345 4.50 -23.30 -11.87
C ASN E 345 4.99 -22.98 -13.28
N THR F 5 33.19 -21.55 38.84
CA THR F 5 31.80 -21.12 38.83
C THR F 5 30.96 -21.93 37.84
N ALA F 6 29.70 -21.55 37.68
CA ALA F 6 28.80 -22.30 36.81
C ALA F 6 29.07 -22.01 35.34
N SER F 7 29.64 -20.85 35.04
CA SER F 7 29.99 -20.54 33.65
C SER F 7 31.15 -21.40 33.17
N ILE F 8 32.06 -21.77 34.08
CA ILE F 8 33.15 -22.67 33.73
C ILE F 8 32.62 -24.08 33.52
N ALA F 9 31.57 -24.46 34.27
CA ALA F 9 30.93 -25.75 34.04
C ALA F 9 30.18 -25.76 32.70
N GLN F 10 29.59 -24.62 32.33
CA GLN F 10 28.93 -24.52 31.03
C GLN F 10 29.94 -24.56 29.89
N ALA F 11 31.11 -23.95 30.10
CA ALA F 11 32.19 -24.04 29.11
C ALA F 11 32.75 -25.46 29.03
N ARG F 12 32.74 -26.19 30.15
CA ARG F 12 33.17 -27.58 30.14
C ARG F 12 32.18 -28.46 29.38
N LYS F 13 30.88 -28.20 29.54
CA LYS F 13 29.89 -28.93 28.76
C LYS F 13 29.97 -28.56 27.28
N LEU F 14 30.28 -27.30 26.98
CA LEU F 14 30.50 -26.88 25.60
C LEU F 14 31.70 -27.58 24.97
N VAL F 15 32.81 -27.66 25.71
CA VAL F 15 34.01 -28.26 25.13
C VAL F 15 33.87 -29.77 25.06
N GLU F 16 33.02 -30.37 25.92
CA GLU F 16 32.70 -31.79 25.76
C GLU F 16 31.83 -32.03 24.54
N GLN F 17 30.90 -31.11 24.27
CA GLN F 17 30.12 -31.19 23.03
C GLN F 17 31.00 -30.99 21.80
N LEU F 18 32.05 -30.18 21.93
CA LEU F 18 32.97 -29.99 20.83
C LEU F 18 33.90 -31.19 20.69
N LYS F 19 34.15 -31.91 21.79
CA LYS F 19 34.87 -33.18 21.72
C LYS F 19 34.03 -34.25 21.03
N MET F 20 32.70 -34.17 21.18
CA MET F 20 31.85 -35.13 20.48
C MET F 20 31.88 -34.89 18.97
N GLU F 21 32.00 -33.64 18.55
CA GLU F 21 32.03 -33.29 17.13
C GLU F 21 33.43 -33.33 16.53
N ALA F 22 34.38 -33.99 17.19
CA ALA F 22 35.73 -34.14 16.68
C ALA F 22 36.05 -35.56 16.23
N ASN F 23 35.40 -36.56 16.82
CA ASN F 23 35.69 -37.96 16.51
C ASN F 23 34.85 -38.48 15.35
N ILE F 24 34.17 -37.58 14.63
CA ILE F 24 33.38 -37.97 13.48
C ILE F 24 34.29 -37.90 12.25
N ASP F 25 33.96 -38.66 11.22
CA ASP F 25 34.74 -38.71 9.99
C ASP F 25 34.25 -37.64 9.05
N ARG F 26 35.17 -36.97 8.38
CA ARG F 26 34.86 -36.01 7.33
C ARG F 26 35.42 -36.53 6.02
N ILE F 27 34.52 -36.89 5.10
CA ILE F 27 34.93 -37.36 3.78
C ILE F 27 35.39 -36.19 2.94
N LYS F 28 36.01 -36.51 1.80
CA LYS F 28 36.41 -35.48 0.85
C LYS F 28 35.17 -34.84 0.24
N VAL F 29 35.24 -33.51 0.05
CA VAL F 29 34.10 -32.74 -0.46
C VAL F 29 33.79 -33.09 -1.92
N SER F 30 34.74 -33.71 -2.63
CA SER F 30 34.47 -34.16 -3.98
C SER F 30 33.49 -35.32 -3.99
N LYS F 31 33.55 -36.20 -2.99
CA LYS F 31 32.64 -37.33 -2.91
C LYS F 31 31.23 -36.87 -2.58
N ALA F 32 31.10 -35.96 -1.62
CA ALA F 32 29.78 -35.45 -1.25
C ALA F 32 29.21 -34.58 -2.35
N ALA F 33 30.06 -33.80 -3.02
CA ALA F 33 29.63 -33.00 -4.15
C ALA F 33 29.18 -33.88 -5.31
N ALA F 34 29.87 -34.99 -5.55
CA ALA F 34 29.45 -35.92 -6.59
C ALA F 34 28.18 -36.65 -6.20
N ASP F 35 27.95 -36.84 -4.90
CA ASP F 35 26.68 -37.39 -4.44
C ASP F 35 25.53 -36.43 -4.70
N LEU F 36 25.75 -35.14 -4.49
CA LEU F 36 24.72 -34.14 -4.80
C LEU F 36 24.48 -34.03 -6.29
N MET F 37 25.54 -34.05 -7.10
CA MET F 37 25.36 -34.05 -8.55
C MET F 37 24.65 -35.31 -9.03
N ALA F 38 24.95 -36.46 -8.42
CA ALA F 38 24.28 -37.70 -8.75
C ALA F 38 22.80 -37.64 -8.39
N TYR F 39 22.47 -36.96 -7.30
CA TYR F 39 21.06 -36.78 -6.95
C TYR F 39 20.35 -35.88 -7.93
N CYS F 40 21.01 -34.80 -8.34
CA CYS F 40 20.37 -33.87 -9.27
C CYS F 40 20.23 -34.45 -10.68
N GLU F 41 21.12 -35.37 -11.07
CA GLU F 41 20.94 -35.97 -12.39
C GLU F 41 20.03 -37.20 -12.32
N ALA F 42 19.88 -37.78 -11.13
CA ALA F 42 19.02 -38.95 -11.00
C ALA F 42 17.55 -38.54 -10.94
N HIS F 43 17.24 -37.48 -10.20
CA HIS F 43 15.88 -36.98 -10.12
C HIS F 43 15.60 -35.85 -11.11
N ALA F 44 16.33 -35.81 -12.23
CA ALA F 44 16.26 -34.71 -13.18
C ALA F 44 14.99 -34.75 -14.02
N LYS F 45 14.31 -35.89 -14.06
CA LYS F 45 13.10 -35.99 -14.88
C LYS F 45 11.85 -35.68 -14.07
N GLU F 46 11.80 -36.09 -12.82
CA GLU F 46 10.63 -35.89 -11.96
C GLU F 46 10.75 -34.65 -11.10
N ASP F 47 10.89 -33.48 -11.72
CA ASP F 47 10.80 -32.20 -11.01
C ASP F 47 10.23 -31.16 -11.95
N PRO F 48 8.92 -30.91 -11.87
CA PRO F 48 8.26 -30.06 -12.87
C PRO F 48 8.63 -28.59 -12.86
N LEU F 49 9.28 -28.11 -11.80
CA LEU F 49 9.67 -26.70 -11.79
C LEU F 49 10.88 -26.46 -12.68
N LEU F 50 11.82 -27.40 -12.69
CA LEU F 50 12.93 -27.30 -13.63
C LEU F 50 12.53 -27.76 -15.02
N THR F 51 12.09 -29.00 -15.16
CA THR F 51 11.68 -29.57 -16.44
C THR F 51 10.16 -29.69 -16.45
N PRO F 52 9.46 -28.72 -17.06
CA PRO F 52 8.00 -28.71 -17.00
C PRO F 52 7.34 -29.84 -17.75
N VAL F 53 6.38 -30.49 -17.10
CA VAL F 53 5.55 -31.52 -17.70
C VAL F 53 4.57 -30.81 -18.64
N PRO F 54 3.96 -31.51 -19.60
CA PRO F 54 2.91 -30.88 -20.42
C PRO F 54 1.71 -30.52 -19.56
N ALA F 55 0.91 -29.55 -20.05
CA ALA F 55 -0.18 -28.97 -19.27
C ALA F 55 -1.39 -29.89 -19.14
N SER F 56 -1.30 -31.12 -19.65
CA SER F 56 -2.35 -32.10 -19.45
C SER F 56 -2.39 -32.56 -18.00
N GLU F 57 -1.30 -33.14 -17.52
CA GLU F 57 -1.23 -33.63 -16.14
C GLU F 57 -0.61 -32.57 -15.23
N ASN F 58 -1.13 -31.35 -15.37
CA ASN F 58 -0.74 -30.24 -14.53
C ASN F 58 -1.98 -29.75 -13.82
N PRO F 59 -2.02 -29.76 -12.49
CA PRO F 59 -3.24 -29.36 -11.80
C PRO F 59 -3.43 -27.86 -11.72
N PHE F 60 -2.40 -27.09 -12.06
CA PHE F 60 -2.46 -25.64 -12.01
C PHE F 60 -2.45 -25.10 -13.43
N ARG F 61 -3.65 -24.91 -13.99
CA ARG F 61 -3.79 -24.45 -15.36
C ARG F 61 -4.50 -23.09 -15.42
#